data_4M3T
#
_entry.id   4M3T
#
_cell.length_a   74.913
_cell.length_b   120.230
_cell.length_c   130.784
_cell.angle_alpha   90.00
_cell.angle_beta   90.00
_cell.angle_gamma   90.00
#
_symmetry.space_group_name_H-M   'P 21 21 21'
#
loop_
_entity.id
_entity.type
_entity.pdbx_description
1 polymer 'DNA polymerase'
2 polymer 'DNA template'
3 polymer 'DNA primer'
4 non-polymer "ADENOSINE-5'-TRIPHOSPHATE"
5 non-polymer 'CALCIUM ION'
6 water water
#
loop_
_entity_poly.entity_id
_entity_poly.type
_entity_poly.pdbx_seq_one_letter_code
_entity_poly.pdbx_strand_id
1 'polypeptide(L)'
;MKEFYLTVEQIGDSIFERYIDSNGRERTREVEYKPSLFAHCPESQATKYFDIYGKPCTRKLFANMRDASQWIKRMEDIGL
EALGMDDFKLAYLSDTYNYEIKYDHTKIRVANFDIEVTSPDGFPEPSQAKHPIDAITHYDSIDDRFYVFDLLNSPYGNVE
EWSIEIAAKLQEQGGDEVPSEIIDKIIYMPFDNEKELLMEYLNFWQQKTPVILTGWNVESFAIPYVYNRIKNIFGESTAK
RLSPHRKTRVKVIENMYGSREIITLFGISVLDYIDLYKKFSFTNQPSYSLDYISEFELNVGKLKYDGPISKLRESNHQRY
ISYNIIAVYRVLQIDAKRQFINLSLDMGYYAKIQIQSVFSPIKTWDAIIFNSLKEQNKVIPQGRSHPVQPYPGAFVKEPI
PNRYKYVMSFDLTSAYPSIIRQVNISPETIAGTFKVAPLHDYINAVAERPSDVYSCSPNGMMYYKDRDGVVPTEITKVFN
QRKEHKGYMLAAQRNGEIIKEALHNPNLSVDEPLDVDYRFDFSDEIKEKIKKLSAKSLNEMLFRAQRTEVAGMTAQINRK
ALINGLAGALGNVWFRYYDLRNATAITTFGQMALQWIERKVNEYLNEVCGTEGEAFVLYGDTDSIYVSADKIIDKVGESK
FRDTNHWVDFLDKFARERMEPAIDRGFREMCEYMNNKQHLMFMDREAIAGPPLGSKGIGGFWTGKKRYALNVWDMEGTRY
AEPKLKIMGLETQKSSTPKAVQKALKECIRRMLQEGEESLQEYFKEFEKEFRQLNYISIASVSSANNIAKYDVGGFPGPK
CPFHIRGILTYNRAIKGNIDAPQVVEGEKVYVLPLREGNPFGDKCIAWPSGTEITDLIKDDVLHWMDYTVLLEKTFIKPL
EGFTSAAKLDYEKKASLFDMFDF
;
A
2 'polydeoxyribonucleotide' (DT)(DC)(DG)(DT)(DG)(DG)(DA)(DA)(DG)(DC)(DA)(DG)(DT)(DC)(DC)(DG)(DC)(DG) T
3 'polydeoxyribonucleotide' (DG)(DC)(DG)(DG)(DA)(DC)(DT)(DG)(DC)(DT)(DT)(DT)(DC) P
#
loop_
_chem_comp.id
_chem_comp.type
_chem_comp.name
_chem_comp.formula
ATP non-polymer ADENOSINE-5'-TRIPHOSPHATE 'C10 H16 N5 O13 P3'
CA non-polymer 'CALCIUM ION' 'Ca 2'
DA DNA linking 2'-DEOXYADENOSINE-5'-MONOPHOSPHATE 'C10 H14 N5 O6 P'
DC DNA linking 2'-DEOXYCYTIDINE-5'-MONOPHOSPHATE 'C9 H14 N3 O7 P'
DG DNA linking 2'-DEOXYGUANOSINE-5'-MONOPHOSPHATE 'C10 H14 N5 O7 P'
DT DNA linking THYMIDINE-5'-MONOPHOSPHATE 'C10 H15 N2 O8 P'
#
# COMPACT_ATOMS: atom_id res chain seq x y z
N MET A 1 21.29 -26.82 8.42
CA MET A 1 20.15 -25.87 8.53
C MET A 1 18.82 -26.63 8.47
N LYS A 2 17.74 -25.98 8.92
CA LYS A 2 16.41 -26.56 8.78
C LYS A 2 15.96 -26.42 7.32
N GLU A 3 15.24 -27.40 6.80
CA GLU A 3 14.78 -27.31 5.42
C GLU A 3 13.65 -26.28 5.34
N PHE A 4 13.49 -25.64 4.18
CA PHE A 4 12.31 -24.82 3.92
C PHE A 4 11.87 -24.96 2.47
N TYR A 5 10.56 -24.93 2.24
CA TYR A 5 10.04 -24.96 0.88
C TYR A 5 10.38 -23.70 0.10
N LEU A 6 10.43 -23.83 -1.23
CA LEU A 6 10.55 -22.70 -2.13
C LEU A 6 9.21 -22.48 -2.82
N THR A 7 8.68 -23.54 -3.42
CA THR A 7 7.37 -23.50 -4.07
C THR A 7 6.67 -24.84 -3.86
N VAL A 8 5.35 -24.84 -4.00
CA VAL A 8 4.57 -26.07 -3.90
C VAL A 8 3.40 -25.99 -4.87
N GLU A 9 3.09 -27.12 -5.52
CA GLU A 9 1.94 -27.19 -6.41
C GLU A 9 1.24 -28.53 -6.25
N GLN A 10 -0.06 -28.55 -6.51
CA GLN A 10 -0.79 -29.80 -6.69
C GLN A 10 -0.98 -30.00 -8.18
N ILE A 11 -0.50 -31.13 -8.69
CA ILE A 11 -0.76 -31.54 -10.07
C ILE A 11 -1.35 -32.95 -10.06
N GLY A 12 -2.66 -33.05 -10.25
CA GLY A 12 -3.36 -34.33 -10.10
C GLY A 12 -3.20 -34.86 -8.68
N ASP A 13 -2.69 -36.08 -8.56
CA ASP A 13 -2.53 -36.71 -7.25
C ASP A 13 -1.11 -36.60 -6.71
N SER A 14 -0.34 -35.67 -7.27
CA SER A 14 1.01 -35.42 -6.80
C SER A 14 1.13 -33.98 -6.29
N ILE A 15 1.90 -33.84 -5.21
CA ILE A 15 2.43 -32.56 -4.81
C ILE A 15 3.82 -32.45 -5.46
N PHE A 16 4.04 -31.35 -6.16
CA PHE A 16 5.36 -31.02 -6.66
C PHE A 16 5.92 -29.88 -5.80
N GLU A 17 7.10 -30.11 -5.22
CA GLU A 17 7.70 -29.18 -4.28
C GLU A 17 9.16 -28.92 -4.66
N ARG A 18 9.50 -27.64 -4.72
CA ARG A 18 10.89 -27.25 -4.79
C ARG A 18 11.24 -26.79 -3.37
N TYR A 19 12.40 -27.20 -2.88
CA TYR A 19 12.79 -26.86 -1.50
C TYR A 19 14.29 -26.77 -1.32
N ILE A 20 14.69 -26.15 -0.22
CA ILE A 20 16.09 -26.10 0.20
C ILE A 20 16.31 -27.21 1.25
N ASP A 21 17.22 -28.14 0.95
CA ASP A 21 17.44 -29.28 1.83
C ASP A 21 18.35 -28.89 2.99
N SER A 22 18.68 -29.86 3.85
CA SER A 22 19.36 -29.57 5.11
C SER A 22 20.81 -29.12 4.92
N ASN A 23 21.33 -29.30 3.71
CA ASN A 23 22.66 -28.82 3.37
C ASN A 23 22.62 -27.54 2.55
N GLY A 24 21.43 -26.97 2.37
CA GLY A 24 21.29 -25.70 1.68
C GLY A 24 21.25 -25.79 0.16
N ARG A 25 21.06 -26.99 -0.36
CA ARG A 25 20.90 -27.20 -1.81
C ARG A 25 19.43 -27.11 -2.22
N GLU A 26 19.19 -26.59 -3.42
CA GLU A 26 17.85 -26.65 -4.02
C GLU A 26 17.56 -28.04 -4.56
N ARG A 27 16.36 -28.55 -4.25
CA ARG A 27 15.94 -29.87 -4.69
C ARG A 27 14.50 -29.78 -5.19
N THR A 28 14.06 -30.81 -5.91
CA THR A 28 12.67 -30.90 -6.32
C THR A 28 12.20 -32.32 -6.08
N ARG A 29 10.97 -32.47 -5.60
CA ARG A 29 10.42 -33.80 -5.40
C ARG A 29 8.94 -33.84 -5.73
N GLU A 30 8.50 -35.02 -6.14
CA GLU A 30 7.10 -35.30 -6.39
C GLU A 30 6.66 -36.27 -5.29
N VAL A 31 5.55 -35.94 -4.64
CA VAL A 31 5.09 -36.71 -3.50
C VAL A 31 3.62 -37.09 -3.69
N GLU A 32 3.32 -38.37 -3.49
CA GLU A 32 1.95 -38.87 -3.64
C GLU A 32 1.25 -38.69 -2.29
N TYR A 33 0.95 -37.44 -2.00
CA TYR A 33 0.45 -37.03 -0.70
C TYR A 33 -0.96 -37.55 -0.46
N LYS A 34 -1.13 -38.27 0.63
CA LYS A 34 -2.44 -38.75 1.01
C LYS A 34 -3.08 -37.76 1.99
N PRO A 35 -4.10 -37.00 1.53
CA PRO A 35 -4.68 -36.03 2.44
C PRO A 35 -5.66 -36.66 3.41
N SER A 36 -5.88 -35.98 4.52
CA SER A 36 -6.94 -36.32 5.46
C SER A 36 -7.98 -35.22 5.50
N LEU A 37 -9.24 -35.65 5.62
CA LEU A 37 -10.35 -34.74 5.91
C LEU A 37 -11.12 -35.36 7.07
N PHE A 38 -12.19 -34.69 7.49
CA PHE A 38 -12.86 -35.06 8.73
C PHE A 38 -14.38 -35.00 8.62
N ALA A 39 -15.04 -35.88 9.39
CA ALA A 39 -16.48 -35.86 9.54
C ALA A 39 -16.84 -35.91 11.01
N HIS A 40 -17.94 -35.28 11.40
CA HIS A 40 -18.44 -35.43 12.76
C HIS A 40 -18.75 -36.91 13.03
N CYS A 41 -18.50 -37.35 14.25
CA CYS A 41 -18.81 -38.73 14.65
C CYS A 41 -19.55 -38.74 16.02
N PRO A 42 -20.04 -39.92 16.45
CA PRO A 42 -20.70 -39.96 17.77
C PRO A 42 -19.73 -39.75 18.94
N GLU A 43 -20.29 -39.34 20.08
CA GLU A 43 -19.51 -39.15 21.31
C GLU A 43 -18.87 -40.48 21.72
N SER A 44 -19.67 -41.54 21.70
CA SER A 44 -19.20 -42.89 22.03
C SER A 44 -17.89 -43.27 21.34
N GLN A 45 -17.71 -42.82 20.10
CA GLN A 45 -16.51 -43.12 19.33
C GLN A 45 -15.32 -42.28 19.81
N ALA A 46 -14.29 -42.97 20.30
CA ALA A 46 -13.10 -42.31 20.85
C ALA A 46 -12.24 -41.67 19.77
N THR A 47 -11.82 -40.44 20.01
CA THR A 47 -10.99 -39.72 19.05
C THR A 47 -10.14 -38.67 19.75
N LYS A 48 -9.12 -38.18 19.05
CA LYS A 48 -8.36 -37.04 19.52
C LYS A 48 -8.63 -35.78 18.70
N TYR A 49 -9.43 -35.88 17.64
CA TYR A 49 -9.74 -34.71 16.79
C TYR A 49 -11.10 -34.12 17.16
N PHE A 50 -11.13 -32.82 17.39
CA PHE A 50 -12.38 -32.10 17.66
C PHE A 50 -12.49 -30.85 16.78
N ASP A 51 -13.72 -30.50 16.38
CA ASP A 51 -13.96 -29.24 15.66
C ASP A 51 -13.78 -28.06 16.61
N ILE A 52 -13.85 -26.84 16.11
CA ILE A 52 -13.54 -25.67 16.95
C ILE A 52 -14.57 -25.47 18.05
N TYR A 53 -15.72 -26.12 17.92
CA TYR A 53 -16.80 -26.05 18.91
C TYR A 53 -16.76 -27.19 19.92
N GLY A 54 -15.75 -28.07 19.82
CA GLY A 54 -15.59 -29.18 20.76
C GLY A 54 -16.36 -30.44 20.39
N LYS A 55 -16.88 -30.50 19.18
CA LYS A 55 -17.59 -31.70 18.74
C LYS A 55 -16.59 -32.66 18.07
N PRO A 56 -16.68 -33.97 18.42
CA PRO A 56 -15.69 -34.95 17.96
C PRO A 56 -15.79 -35.27 16.47
N CYS A 57 -14.65 -35.61 15.89
CA CYS A 57 -14.53 -35.89 14.47
C CYS A 57 -13.73 -37.15 14.22
N THR A 58 -14.11 -37.88 13.16
CA THR A 58 -13.28 -38.96 12.66
C THR A 58 -12.43 -38.43 11.53
N ARG A 59 -11.16 -38.82 11.51
CA ARG A 59 -10.27 -38.52 10.41
C ARG A 59 -10.46 -39.53 9.29
N LYS A 60 -10.58 -39.04 8.07
CA LYS A 60 -10.67 -39.90 6.90
C LYS A 60 -9.43 -39.73 6.06
N LEU A 61 -8.66 -40.81 5.94
CA LEU A 61 -7.44 -40.81 5.14
C LEU A 61 -7.79 -41.28 3.74
N PHE A 62 -7.38 -40.53 2.72
CA PHE A 62 -7.72 -40.86 1.35
C PHE A 62 -6.52 -41.44 0.60
N ALA A 63 -6.80 -42.33 -0.36
CA ALA A 63 -5.74 -42.95 -1.15
C ALA A 63 -5.00 -41.91 -2.00
N ASN A 64 -5.69 -40.83 -2.35
CA ASN A 64 -5.10 -39.74 -3.09
C ASN A 64 -5.96 -38.48 -2.99
N MET A 65 -5.47 -37.38 -3.55
CA MET A 65 -6.13 -36.08 -3.43
C MET A 65 -7.43 -36.00 -4.22
N ARG A 66 -7.50 -36.66 -5.37
CA ARG A 66 -8.73 -36.66 -6.16
C ARG A 66 -9.86 -37.35 -5.41
N ASP A 67 -9.56 -38.45 -4.72
CA ASP A 67 -10.56 -39.14 -3.89
C ASP A 67 -11.10 -38.20 -2.79
N ALA A 68 -10.21 -37.46 -2.14
CA ALA A 68 -10.60 -36.49 -1.12
C ALA A 68 -11.54 -35.41 -1.68
N SER A 69 -11.21 -34.93 -2.87
CA SER A 69 -12.01 -33.90 -3.54
C SER A 69 -13.39 -34.46 -3.91
N GLN A 70 -13.41 -35.69 -4.42
CA GLN A 70 -14.67 -36.33 -4.77
C GLN A 70 -15.55 -36.56 -3.53
N TRP A 71 -14.92 -36.86 -2.40
CA TRP A 71 -15.63 -37.08 -1.15
C TRP A 71 -16.33 -35.80 -0.68
N ILE A 72 -15.66 -34.67 -0.81
CA ILE A 72 -16.25 -33.38 -0.46
C ILE A 72 -17.52 -33.14 -1.27
N LYS A 73 -17.48 -33.43 -2.57
CA LYS A 73 -18.66 -33.27 -3.43
C LYS A 73 -19.82 -34.16 -2.96
N ARG A 74 -19.54 -35.43 -2.71
CA ARG A 74 -20.58 -36.35 -2.29
C ARG A 74 -21.15 -35.98 -0.93
N MET A 75 -20.31 -35.47 -0.03
CA MET A 75 -20.79 -34.97 1.25
C MET A 75 -21.75 -33.80 1.08
N GLU A 76 -21.46 -32.92 0.11
CA GLU A 76 -22.41 -31.87 -0.29
C GLU A 76 -23.72 -32.47 -0.85
N ASP A 77 -23.61 -33.44 -1.76
CA ASP A 77 -24.80 -34.13 -2.29
C ASP A 77 -25.66 -34.70 -1.17
N ILE A 78 -25.00 -35.27 -0.14
CA ILE A 78 -25.71 -35.86 1.01
C ILE A 78 -26.29 -34.79 1.93
N GLY A 79 -25.57 -33.67 2.09
CA GLY A 79 -25.98 -32.59 2.97
C GLY A 79 -25.24 -32.53 4.31
N LEU A 80 -23.96 -32.90 4.31
CA LEU A 80 -23.18 -33.00 5.54
C LEU A 80 -21.86 -32.25 5.44
N GLU A 81 -21.42 -31.66 6.55
CA GLU A 81 -20.19 -30.88 6.55
C GLU A 81 -18.99 -31.78 6.27
N ALA A 82 -18.15 -31.36 5.33
CA ALA A 82 -16.88 -32.01 5.07
C ALA A 82 -15.82 -31.09 5.67
N LEU A 83 -15.26 -31.48 6.82
CA LEU A 83 -14.32 -30.64 7.57
C LEU A 83 -12.86 -30.87 7.17
N GLY A 84 -12.01 -29.91 7.52
CA GLY A 84 -10.58 -29.97 7.24
C GLY A 84 -10.12 -29.06 6.13
N MET A 85 -8.80 -28.94 6.00
CA MET A 85 -8.17 -28.10 4.98
C MET A 85 -8.34 -28.70 3.60
N ASP A 86 -9.17 -28.05 2.79
CA ASP A 86 -9.51 -28.54 1.45
C ASP A 86 -8.48 -28.13 0.38
N ASP A 87 -7.59 -27.19 0.72
CA ASP A 87 -6.45 -26.84 -0.14
C ASP A 87 -5.28 -27.71 0.27
N PHE A 88 -5.10 -28.83 -0.43
CA PHE A 88 -4.24 -29.91 0.04
C PHE A 88 -2.76 -29.52 0.09
N LYS A 89 -2.32 -28.58 -0.75
CA LYS A 89 -0.92 -28.15 -0.62
C LYS A 89 -0.64 -27.39 0.68
N LEU A 90 -1.62 -26.68 1.23
CA LEU A 90 -1.45 -26.06 2.55
C LEU A 90 -1.33 -27.13 3.63
N ALA A 91 -2.10 -28.22 3.48
CA ALA A 91 -2.01 -29.33 4.43
C ALA A 91 -0.65 -30.04 4.30
N TYR A 92 -0.17 -30.15 3.06
CA TYR A 92 1.15 -30.74 2.81
C TYR A 92 2.26 -29.92 3.48
N LEU A 93 2.20 -28.60 3.34
CA LEU A 93 3.20 -27.74 3.98
C LEU A 93 3.10 -27.81 5.51
N SER A 94 1.88 -27.88 6.04
CA SER A 94 1.70 -28.03 7.48
C SER A 94 2.34 -29.32 8.02
N ASP A 95 2.16 -30.41 7.29
CA ASP A 95 2.75 -31.70 7.66
C ASP A 95 4.27 -31.71 7.48
N THR A 96 4.74 -31.10 6.39
CA THR A 96 6.14 -31.22 6.00
C THR A 96 7.02 -30.23 6.81
N TYR A 97 6.48 -29.07 7.15
CA TYR A 97 7.20 -28.03 7.91
C TYR A 97 6.45 -27.72 9.20
N ASN A 98 6.39 -28.71 10.06
CA ASN A 98 5.68 -28.55 11.32
C ASN A 98 6.57 -27.90 12.39
N TYR A 99 7.03 -26.71 12.07
CA TYR A 99 7.84 -25.90 12.95
C TYR A 99 7.85 -24.50 12.36
N GLU A 100 8.27 -23.52 13.14
CA GLU A 100 8.43 -22.16 12.63
C GLU A 100 9.56 -22.15 11.61
N ILE A 101 9.23 -21.76 10.39
CA ILE A 101 10.21 -21.76 9.31
C ILE A 101 11.25 -20.65 9.49
N LYS A 102 12.52 -21.06 9.43
CA LYS A 102 13.64 -20.14 9.37
C LYS A 102 14.13 -20.27 7.95
N TYR A 103 14.05 -19.19 7.18
CA TYR A 103 14.44 -19.23 5.79
C TYR A 103 15.70 -18.41 5.60
N ASP A 104 16.42 -18.71 4.52
CA ASP A 104 17.68 -18.07 4.21
C ASP A 104 17.54 -17.49 2.81
N HIS A 105 17.36 -16.17 2.73
CA HIS A 105 17.05 -15.51 1.47
C HIS A 105 18.16 -15.68 0.42
N THR A 106 19.38 -15.95 0.87
CA THR A 106 20.52 -16.07 -0.04
C THR A 106 20.43 -17.34 -0.89
N LYS A 107 19.61 -18.30 -0.45
CA LYS A 107 19.43 -19.56 -1.19
C LYS A 107 18.20 -19.52 -2.11
N ILE A 108 17.44 -18.43 -2.05
CA ILE A 108 16.22 -18.31 -2.85
C ILE A 108 16.57 -17.54 -4.13
N ARG A 109 16.28 -18.13 -5.27
CA ARG A 109 16.62 -17.52 -6.54
C ARG A 109 15.53 -16.52 -6.91
N VAL A 110 15.86 -15.24 -6.78
CA VAL A 110 14.94 -14.18 -7.12
C VAL A 110 15.33 -13.63 -8.48
N ALA A 111 14.46 -13.78 -9.46
CA ALA A 111 14.73 -13.29 -10.81
C ALA A 111 13.92 -12.03 -11.11
N ASN A 112 14.60 -11.04 -11.66
CA ASN A 112 14.04 -9.77 -12.07
C ASN A 112 14.29 -9.61 -13.55
N PHE A 113 13.26 -9.59 -14.38
CA PHE A 113 13.45 -9.46 -15.83
C PHE A 113 12.54 -8.47 -16.54
N ASP A 114 12.94 -8.13 -17.77
CA ASP A 114 12.21 -7.18 -18.59
C ASP A 114 12.53 -7.51 -20.04
N ILE A 115 11.53 -7.42 -20.90
CA ILE A 115 11.76 -7.67 -22.33
C ILE A 115 11.48 -6.44 -23.18
N GLU A 116 12.05 -6.42 -24.39
CA GLU A 116 11.72 -5.43 -25.39
C GLU A 116 11.18 -6.14 -26.64
N VAL A 117 10.17 -5.52 -27.25
CA VAL A 117 9.52 -6.01 -28.44
C VAL A 117 9.21 -4.82 -29.34
N THR A 118 9.91 -4.71 -30.47
CA THR A 118 9.64 -3.64 -31.43
C THR A 118 8.35 -3.94 -32.19
N SER A 119 7.46 -2.94 -32.27
CA SER A 119 6.19 -3.09 -32.98
C SER A 119 5.78 -1.81 -33.73
N PRO A 120 5.69 -1.87 -35.08
CA PRO A 120 5.28 -0.71 -35.86
C PRO A 120 3.76 -0.46 -35.87
N ASP A 121 2.97 -1.49 -35.58
CA ASP A 121 1.51 -1.38 -35.65
C ASP A 121 0.84 -1.29 -34.27
N GLY A 122 1.43 -0.50 -33.38
CA GLY A 122 0.84 -0.26 -32.06
C GLY A 122 1.31 -1.23 -30.98
N PHE A 123 0.56 -1.30 -29.89
CA PHE A 123 0.94 -2.10 -28.73
C PHE A 123 1.05 -3.58 -29.11
N PRO A 124 2.15 -4.24 -28.70
CA PRO A 124 2.34 -5.65 -29.00
C PRO A 124 1.57 -6.54 -28.02
N GLU A 125 0.40 -6.98 -28.44
CA GLU A 125 -0.48 -7.77 -27.56
C GLU A 125 0.14 -9.12 -27.18
N PRO A 126 0.30 -9.37 -25.87
CA PRO A 126 0.91 -10.62 -25.40
C PRO A 126 0.17 -11.89 -25.80
N SER A 127 -1.15 -11.80 -25.94
CA SER A 127 -1.94 -12.98 -26.38
C SER A 127 -1.70 -13.32 -27.85
N GLN A 128 -1.25 -12.36 -28.64
CA GLN A 128 -0.94 -12.59 -30.05
C GLN A 128 0.53 -12.94 -30.22
N ALA A 129 1.40 -12.17 -29.57
CA ALA A 129 2.85 -12.33 -29.66
C ALA A 129 3.36 -12.44 -31.11
N LYS A 130 2.98 -11.47 -31.93
CA LYS A 130 3.27 -11.55 -33.36
C LYS A 130 4.55 -10.81 -33.75
N HIS A 131 5.22 -10.18 -32.80
CA HIS A 131 6.47 -9.50 -33.09
C HIS A 131 7.66 -10.16 -32.37
N PRO A 132 8.86 -10.12 -32.99
CA PRO A 132 10.03 -10.68 -32.32
C PRO A 132 10.32 -10.06 -30.96
N ILE A 133 10.76 -10.89 -30.03
CA ILE A 133 11.37 -10.40 -28.79
C ILE A 133 12.80 -10.03 -29.15
N ASP A 134 13.18 -8.77 -28.97
CA ASP A 134 14.49 -8.33 -29.45
C ASP A 134 15.47 -7.92 -28.34
N ALA A 135 15.03 -8.01 -27.09
CA ALA A 135 15.94 -7.88 -25.96
C ALA A 135 15.32 -8.51 -24.71
N ILE A 136 16.14 -9.22 -23.94
CA ILE A 136 15.78 -9.63 -22.57
C ILE A 136 16.95 -9.35 -21.64
N THR A 137 16.67 -8.65 -20.53
CA THR A 137 17.63 -8.53 -19.44
C THR A 137 17.03 -9.24 -18.24
N HIS A 138 17.79 -10.18 -17.69
CA HIS A 138 17.34 -11.06 -16.64
C HIS A 138 18.38 -11.04 -15.52
N TYR A 139 18.03 -10.41 -14.41
CA TYR A 139 18.90 -10.34 -13.25
C TYR A 139 18.64 -11.53 -12.33
N ASP A 140 19.70 -12.18 -11.90
CA ASP A 140 19.62 -13.34 -11.03
C ASP A 140 20.23 -12.99 -9.68
N SER A 141 19.45 -13.14 -8.60
CA SER A 141 19.92 -12.72 -7.28
C SER A 141 21.01 -13.62 -6.69
N ILE A 142 21.08 -14.87 -7.12
CA ILE A 142 22.11 -15.78 -6.61
C ILE A 142 23.45 -15.51 -7.31
N ASP A 143 23.43 -15.36 -8.62
CA ASP A 143 24.64 -14.97 -9.35
C ASP A 143 25.01 -13.50 -9.15
N ASP A 144 24.02 -12.66 -8.82
CA ASP A 144 24.17 -11.21 -8.80
C ASP A 144 24.72 -10.69 -10.14
N ARG A 145 24.11 -11.14 -11.22
CA ARG A 145 24.51 -10.76 -12.57
C ARG A 145 23.29 -10.40 -13.41
N PHE A 146 23.47 -9.44 -14.32
CA PHE A 146 22.46 -9.07 -15.31
C PHE A 146 22.80 -9.79 -16.61
N TYR A 147 21.93 -10.70 -17.02
CA TYR A 147 22.12 -11.47 -18.22
C TYR A 147 21.32 -10.82 -19.33
N VAL A 148 22.03 -10.37 -20.36
CA VAL A 148 21.44 -9.56 -21.43
C VAL A 148 21.46 -10.37 -22.72
N PHE A 149 20.26 -10.62 -23.24
CA PHE A 149 20.06 -11.37 -24.46
C PHE A 149 19.61 -10.37 -25.52
N ASP A 150 20.45 -10.14 -26.52
CA ASP A 150 20.32 -9.03 -27.47
C ASP A 150 20.19 -9.55 -28.91
N LEU A 151 19.05 -9.26 -29.55
CA LEU A 151 18.81 -9.71 -30.93
C LEU A 151 19.39 -8.72 -31.95
N LEU A 152 20.36 -9.18 -32.72
CA LEU A 152 21.03 -8.31 -33.70
C LEU A 152 20.32 -8.25 -35.05
N ASN A 153 19.59 -9.32 -35.39
CA ASN A 153 18.89 -9.40 -36.68
C ASN A 153 17.42 -9.70 -36.51
N SER A 154 16.60 -8.83 -37.09
CA SER A 154 15.16 -8.94 -37.00
C SER A 154 14.56 -8.41 -38.30
N PRO A 155 13.30 -8.79 -38.62
CA PRO A 155 12.64 -8.16 -39.75
C PRO A 155 12.46 -6.63 -39.63
N TYR A 156 12.63 -6.05 -38.42
CA TYR A 156 12.52 -4.61 -38.25
C TYR A 156 13.87 -3.90 -38.13
N GLY A 157 14.95 -4.61 -38.44
CA GLY A 157 16.27 -3.97 -38.54
C GLY A 157 17.40 -4.87 -38.08
N ASN A 158 18.51 -4.81 -38.82
CA ASN A 158 19.76 -5.43 -38.37
C ASN A 158 20.62 -4.38 -37.70
N VAL A 159 21.18 -4.72 -36.54
CA VAL A 159 21.96 -3.77 -35.74
C VAL A 159 23.31 -4.32 -35.30
N GLU A 160 24.16 -3.40 -34.85
CA GLU A 160 25.49 -3.73 -34.32
C GLU A 160 25.36 -4.07 -32.85
N GLU A 161 26.39 -4.72 -32.30
CA GLU A 161 26.39 -5.10 -30.90
C GLU A 161 26.35 -3.89 -30.00
N TRP A 162 25.77 -4.08 -28.83
CA TRP A 162 25.79 -3.06 -27.79
C TRP A 162 27.20 -2.96 -27.21
N SER A 163 27.62 -1.74 -26.89
CA SER A 163 28.94 -1.46 -26.34
C SER A 163 28.87 -1.10 -24.86
N ILE A 164 29.48 -1.94 -24.03
CA ILE A 164 29.52 -1.67 -22.60
C ILE A 164 30.34 -0.42 -22.30
N GLU A 165 31.28 -0.10 -23.19
CA GLU A 165 32.15 1.06 -22.99
C GLU A 165 31.35 2.35 -23.14
N ILE A 166 30.54 2.43 -24.19
CA ILE A 166 29.66 3.58 -24.41
C ILE A 166 28.57 3.63 -23.34
N ALA A 167 28.03 2.47 -22.99
CA ALA A 167 26.98 2.38 -21.97
C ALA A 167 27.40 3.05 -20.65
N ALA A 168 28.66 2.84 -20.27
CA ALA A 168 29.19 3.36 -19.01
C ALA A 168 29.43 4.87 -19.01
N LYS A 169 29.63 5.45 -20.19
CA LYS A 169 29.97 6.87 -20.28
C LYS A 169 28.81 7.79 -19.92
N LEU A 170 29.16 9.01 -19.53
CA LEU A 170 28.15 10.03 -19.25
C LEU A 170 27.26 10.31 -20.46
N GLN A 171 26.03 10.72 -20.21
CA GLN A 171 25.14 11.18 -21.29
C GLN A 171 25.79 12.34 -22.04
N GLU A 172 26.57 13.14 -21.32
CA GLU A 172 27.27 14.28 -21.88
C GLU A 172 28.47 13.88 -22.76
N GLN A 173 28.96 12.65 -22.59
CA GLN A 173 29.94 12.08 -23.53
C GLN A 173 29.25 11.25 -24.61
N GLY A 174 27.92 11.30 -24.68
CA GLY A 174 27.17 10.49 -25.65
C GLY A 174 26.91 9.06 -25.17
N GLY A 175 27.16 8.80 -23.88
CA GLY A 175 26.93 7.48 -23.31
C GLY A 175 25.53 7.34 -22.74
N ASP A 176 25.29 6.21 -22.06
CA ASP A 176 23.97 5.90 -21.52
C ASP A 176 23.92 6.00 -20.00
N GLU A 177 25.06 6.25 -19.36
CA GLU A 177 25.16 6.33 -17.89
C GLU A 177 24.58 5.10 -17.20
N VAL A 178 24.88 3.92 -17.73
CA VAL A 178 24.59 2.69 -16.99
C VAL A 178 25.45 2.77 -15.73
N PRO A 179 24.81 2.70 -14.54
CA PRO A 179 25.50 2.95 -13.29
C PRO A 179 26.76 2.10 -13.15
N SER A 180 27.82 2.72 -12.66
CA SER A 180 29.12 2.06 -12.56
C SER A 180 29.07 0.81 -11.69
N GLU A 181 28.24 0.83 -10.65
CA GLU A 181 28.17 -0.30 -9.72
C GLU A 181 27.57 -1.59 -10.33
N ILE A 182 26.99 -1.50 -11.52
CA ILE A 182 26.51 -2.72 -12.22
C ILE A 182 27.26 -3.07 -13.49
N ILE A 183 28.15 -2.21 -13.95
CA ILE A 183 28.86 -2.42 -15.22
C ILE A 183 29.55 -3.79 -15.26
N ASP A 184 30.24 -4.12 -14.18
CA ASP A 184 30.98 -5.38 -14.07
C ASP A 184 30.07 -6.58 -13.83
N LYS A 185 28.78 -6.36 -13.59
CA LYS A 185 27.84 -7.46 -13.34
C LYS A 185 27.01 -7.80 -14.57
N ILE A 186 27.32 -7.19 -15.71
CA ILE A 186 26.56 -7.43 -16.93
C ILE A 186 27.21 -8.54 -17.76
N ILE A 187 26.41 -9.52 -18.14
CA ILE A 187 26.87 -10.62 -18.97
C ILE A 187 26.08 -10.54 -20.27
N TYR A 188 26.77 -10.05 -21.30
CA TYR A 188 26.15 -9.64 -22.55
C TYR A 188 26.24 -10.75 -23.58
N MET A 189 25.09 -11.16 -24.13
CA MET A 189 25.03 -12.17 -25.18
C MET A 189 24.22 -11.68 -26.38
N PRO A 190 24.90 -11.40 -27.50
CA PRO A 190 24.22 -11.05 -28.74
C PRO A 190 23.84 -12.28 -29.54
N PHE A 191 22.75 -12.21 -30.32
CA PHE A 191 22.27 -13.34 -31.11
C PHE A 191 21.97 -12.95 -32.55
N ASP A 192 22.30 -13.86 -33.46
CA ASP A 192 22.08 -13.69 -34.90
C ASP A 192 20.61 -13.80 -35.27
N ASN A 193 19.84 -14.52 -34.47
CA ASN A 193 18.44 -14.72 -34.77
C ASN A 193 17.63 -15.03 -33.52
N GLU A 194 16.34 -14.75 -33.60
CA GLU A 194 15.44 -14.85 -32.48
C GLU A 194 15.30 -16.28 -31.95
N LYS A 195 15.28 -17.27 -32.85
CA LYS A 195 15.15 -18.66 -32.40
C LYS A 195 16.30 -19.06 -31.47
N GLU A 196 17.53 -18.73 -31.83
CA GLU A 196 18.68 -19.03 -30.97
C GLU A 196 18.63 -18.27 -29.64
N LEU A 197 18.25 -17.00 -29.68
CA LEU A 197 18.06 -16.21 -28.47
C LEU A 197 17.13 -16.94 -27.48
N LEU A 198 15.97 -17.34 -27.95
CA LEU A 198 14.95 -17.94 -27.10
C LEU A 198 15.34 -19.34 -26.61
N MET A 199 15.95 -20.14 -27.49
CA MET A 199 16.42 -21.47 -27.10
C MET A 199 17.49 -21.35 -26.03
N GLU A 200 18.40 -20.40 -26.21
CA GLU A 200 19.40 -20.15 -25.20
C GLU A 200 18.77 -19.62 -23.91
N TYR A 201 17.77 -18.75 -24.02
CA TYR A 201 17.08 -18.25 -22.81
C TYR A 201 16.42 -19.36 -22.01
N LEU A 202 15.76 -20.30 -22.70
CA LEU A 202 15.15 -21.43 -22.03
C LEU A 202 16.18 -22.36 -21.36
N ASN A 203 17.31 -22.60 -22.02
CA ASN A 203 18.39 -23.40 -21.43
C ASN A 203 18.95 -22.74 -20.18
N PHE A 204 19.11 -21.43 -20.26
CA PHE A 204 19.52 -20.59 -19.12
C PHE A 204 18.51 -20.70 -17.99
N TRP A 205 17.24 -20.55 -18.32
CA TRP A 205 16.13 -20.64 -17.38
C TRP A 205 16.13 -21.98 -16.64
N GLN A 206 16.32 -23.07 -17.39
CA GLN A 206 16.44 -24.39 -16.77
C GLN A 206 17.60 -24.49 -15.78
N GLN A 207 18.75 -23.92 -16.14
CA GLN A 207 19.89 -23.88 -15.23
C GLN A 207 19.63 -23.01 -14.01
N LYS A 208 18.91 -21.91 -14.20
CA LYS A 208 18.75 -20.89 -13.17
C LYS A 208 17.28 -20.55 -13.05
N THR A 209 16.50 -21.55 -12.61
CA THR A 209 15.05 -21.46 -12.61
C THR A 209 14.57 -20.56 -11.47
N PRO A 210 13.93 -19.44 -11.81
CA PRO A 210 13.48 -18.53 -10.78
C PRO A 210 12.58 -19.22 -9.78
N VAL A 211 12.69 -18.83 -8.52
CA VAL A 211 11.71 -19.22 -7.51
C VAL A 211 10.70 -18.10 -7.40
N ILE A 212 11.20 -16.92 -7.08
CA ILE A 212 10.44 -15.68 -7.12
C ILE A 212 10.76 -14.99 -8.44
N LEU A 213 9.72 -14.62 -9.16
CA LEU A 213 9.86 -13.93 -10.44
C LEU A 213 9.15 -12.59 -10.35
N THR A 214 9.90 -11.53 -10.62
CA THR A 214 9.37 -10.20 -10.51
C THR A 214 9.93 -9.34 -11.64
N GLY A 215 9.59 -8.06 -11.59
CA GLY A 215 9.85 -7.11 -12.67
C GLY A 215 8.68 -6.15 -12.69
N TRP A 216 8.53 -5.38 -13.77
CA TRP A 216 7.47 -4.36 -13.81
C TRP A 216 6.46 -4.72 -14.90
N ASN A 217 5.22 -5.00 -14.48
CA ASN A 217 4.21 -5.56 -15.39
C ASN A 217 4.58 -6.92 -15.99
N VAL A 218 5.41 -7.70 -15.30
CA VAL A 218 5.80 -9.00 -15.82
C VAL A 218 4.63 -9.99 -15.92
N GLU A 219 3.65 -9.91 -15.01
CA GLU A 219 2.52 -10.85 -15.03
C GLU A 219 1.54 -10.55 -16.16
N SER A 220 1.37 -9.27 -16.49
CA SER A 220 0.42 -8.86 -17.52
C SER A 220 1.07 -8.72 -18.89
N PHE A 221 2.37 -8.45 -18.93
CA PHE A 221 3.07 -8.34 -20.20
C PHE A 221 4.21 -9.32 -20.46
N ALA A 222 5.32 -9.24 -19.71
CA ALA A 222 6.52 -10.00 -20.09
C ALA A 222 6.29 -11.51 -20.11
N ILE A 223 5.70 -12.03 -19.05
CA ILE A 223 5.51 -13.48 -18.95
C ILE A 223 4.60 -14.01 -20.06
N PRO A 224 3.38 -13.43 -20.23
CA PRO A 224 2.53 -13.94 -21.31
C PRO A 224 3.16 -13.74 -22.70
N TYR A 225 3.88 -12.63 -22.89
CA TYR A 225 4.51 -12.42 -24.18
C TYR A 225 5.57 -13.49 -24.51
N VAL A 226 6.45 -13.76 -23.55
CA VAL A 226 7.52 -14.74 -23.78
C VAL A 226 6.91 -16.12 -24.01
N TYR A 227 5.95 -16.49 -23.19
CA TYR A 227 5.29 -17.78 -23.31
C TYR A 227 4.61 -17.94 -24.67
N ASN A 228 3.81 -16.95 -25.05
CA ASN A 228 3.10 -17.02 -26.34
C ASN A 228 4.01 -16.89 -27.55
N ARG A 229 5.09 -16.11 -27.44
CA ARG A 229 6.04 -16.02 -28.55
C ARG A 229 6.75 -17.36 -28.79
N ILE A 230 7.25 -17.96 -27.71
CA ILE A 230 7.88 -19.28 -27.79
C ILE A 230 6.90 -20.32 -28.31
N LYS A 231 5.66 -20.25 -27.79
CA LYS A 231 4.59 -21.12 -28.25
C LYS A 231 4.36 -21.02 -29.76
N ASN A 232 4.31 -19.80 -30.28
CA ASN A 232 4.06 -19.57 -31.71
C ASN A 232 5.20 -20.09 -32.59
N ILE A 233 6.43 -19.89 -32.14
CA ILE A 233 7.60 -20.29 -32.90
C ILE A 233 7.89 -21.79 -32.78
N PHE A 234 7.80 -22.34 -31.56
CA PHE A 234 8.26 -23.72 -31.30
C PHE A 234 7.16 -24.72 -30.95
N GLY A 235 5.99 -24.23 -30.56
CA GLY A 235 4.92 -25.10 -30.06
C GLY A 235 4.80 -25.05 -28.55
N GLU A 236 3.72 -25.59 -28.02
CA GLU A 236 3.42 -25.50 -26.58
C GLU A 236 4.41 -26.20 -25.66
N SER A 237 4.92 -27.37 -26.08
CA SER A 237 5.78 -28.19 -25.22
C SER A 237 7.03 -27.40 -24.82
N THR A 238 7.56 -26.66 -25.79
CA THR A 238 8.73 -25.80 -25.55
C THR A 238 8.39 -24.63 -24.63
N ALA A 239 7.24 -23.97 -24.86
CA ALA A 239 6.85 -22.84 -24.01
C ALA A 239 6.65 -23.26 -22.56
N LYS A 240 6.18 -24.50 -22.36
CA LYS A 240 5.95 -25.01 -21.01
C LYS A 240 7.25 -25.26 -20.22
N ARG A 241 8.39 -25.18 -20.89
CA ARG A 241 9.69 -25.27 -20.17
C ARG A 241 9.94 -24.10 -19.22
N LEU A 242 9.11 -23.05 -19.30
CA LEU A 242 9.18 -21.93 -18.36
C LEU A 242 8.69 -22.36 -16.98
N SER A 243 7.94 -23.46 -16.92
CA SER A 243 7.56 -24.09 -15.67
C SER A 243 8.51 -25.22 -15.35
N PRO A 244 9.04 -25.29 -14.12
CA PRO A 244 9.93 -26.40 -13.79
C PRO A 244 9.25 -27.77 -13.77
N HIS A 245 7.93 -27.80 -13.69
CA HIS A 245 7.17 -29.06 -13.78
C HIS A 245 6.46 -29.21 -15.14
N ARG A 246 6.81 -28.36 -16.08
CA ARG A 246 6.23 -28.36 -17.42
C ARG A 246 4.70 -28.24 -17.42
N LYS A 247 4.16 -27.49 -16.47
CA LYS A 247 2.72 -27.30 -16.46
C LYS A 247 2.39 -25.82 -16.41
N THR A 248 1.50 -25.41 -17.30
CA THR A 248 1.01 -24.05 -17.29
C THR A 248 -0.49 -24.01 -17.54
N ARG A 249 -1.10 -22.90 -17.17
CA ARG A 249 -2.52 -22.73 -17.33
C ARG A 249 -2.75 -21.27 -17.67
N VAL A 250 -3.57 -21.03 -18.69
CA VAL A 250 -4.07 -19.70 -18.91
C VAL A 250 -5.05 -19.43 -17.80
N LYS A 251 -4.85 -18.32 -17.08
CA LYS A 251 -5.77 -17.93 -16.02
C LYS A 251 -6.52 -16.67 -16.42
N VAL A 252 -7.85 -16.74 -16.36
CA VAL A 252 -8.69 -15.59 -16.70
C VAL A 252 -8.92 -14.76 -15.44
N ILE A 253 -8.44 -13.52 -15.47
CA ILE A 253 -8.61 -12.58 -14.37
C ILE A 253 -9.83 -11.72 -14.66
N GLU A 254 -10.89 -11.90 -13.88
CA GLU A 254 -12.15 -11.16 -14.06
C GLU A 254 -12.23 -9.96 -13.11
N ASN A 255 -12.80 -8.87 -13.61
CA ASN A 255 -13.28 -7.77 -12.75
C ASN A 255 -14.65 -7.31 -13.22
N MET A 256 -15.21 -6.29 -12.58
CA MET A 256 -16.56 -5.80 -12.91
C MET A 256 -16.79 -5.63 -14.41
N TYR A 257 -15.87 -4.94 -15.10
CA TYR A 257 -16.00 -4.72 -16.53
C TYR A 257 -14.83 -5.28 -17.31
N GLY A 258 -15.02 -6.48 -17.86
CA GLY A 258 -14.01 -7.13 -18.69
C GLY A 258 -13.12 -8.07 -17.92
N SER A 259 -12.21 -8.70 -18.65
CA SER A 259 -11.27 -9.65 -18.07
C SER A 259 -10.01 -9.76 -18.93
N ARG A 260 -8.93 -10.25 -18.35
CA ARG A 260 -7.66 -10.38 -19.04
C ARG A 260 -7.03 -11.74 -18.73
N GLU A 261 -6.02 -12.11 -19.52
CA GLU A 261 -5.37 -13.42 -19.39
C GLU A 261 -3.95 -13.31 -18.85
N ILE A 262 -3.60 -14.23 -17.97
CA ILE A 262 -2.24 -14.40 -17.51
C ILE A 262 -1.87 -15.86 -17.64
N ILE A 263 -0.58 -16.16 -17.52
CA ILE A 263 -0.10 -17.53 -17.60
C ILE A 263 0.38 -17.93 -16.23
N THR A 264 -0.24 -18.96 -15.67
CA THR A 264 0.21 -19.52 -14.40
C THR A 264 1.32 -20.50 -14.72
N LEU A 265 2.52 -20.22 -14.19
CA LEU A 265 3.67 -21.10 -14.35
C LEU A 265 3.77 -21.94 -13.09
N PHE A 266 3.38 -23.21 -13.17
CA PHE A 266 3.42 -24.05 -11.97
C PHE A 266 4.87 -24.19 -11.52
N GLY A 267 5.09 -24.07 -10.21
CA GLY A 267 6.44 -24.17 -9.64
C GLY A 267 7.25 -22.88 -9.65
N ILE A 268 6.64 -21.77 -10.09
CA ILE A 268 7.24 -20.44 -9.97
C ILE A 268 6.27 -19.59 -9.13
N SER A 269 6.82 -18.67 -8.33
CA SER A 269 5.99 -17.70 -7.60
C SER A 269 6.22 -16.31 -8.21
N VAL A 270 5.24 -15.86 -9.00
CA VAL A 270 5.31 -14.56 -9.65
C VAL A 270 4.82 -13.47 -8.69
N LEU A 271 5.69 -12.53 -8.35
CA LEU A 271 5.33 -11.35 -7.58
C LEU A 271 5.65 -10.13 -8.44
N ASP A 272 4.70 -9.73 -9.27
CA ASP A 272 4.87 -8.56 -10.14
C ASP A 272 5.09 -7.34 -9.25
N TYR A 273 6.18 -6.59 -9.48
CA TYR A 273 6.52 -5.49 -8.58
C TYR A 273 5.48 -4.37 -8.64
N ILE A 274 4.81 -4.20 -9.77
CA ILE A 274 3.73 -3.21 -9.82
C ILE A 274 2.61 -3.55 -8.82
N ASP A 275 2.32 -4.84 -8.66
CA ASP A 275 1.28 -5.27 -7.73
C ASP A 275 1.80 -5.26 -6.29
N LEU A 276 3.06 -5.62 -6.08
CA LEU A 276 3.68 -5.48 -4.77
C LEU A 276 3.61 -4.01 -4.36
N TYR A 277 4.00 -3.13 -5.26
CA TYR A 277 4.02 -1.70 -4.98
C TYR A 277 2.63 -1.17 -4.65
N LYS A 278 1.62 -1.54 -5.44
CA LYS A 278 0.26 -1.11 -5.19
C LYS A 278 -0.27 -1.62 -3.83
N LYS A 279 0.06 -2.85 -3.46
CA LYS A 279 -0.45 -3.40 -2.20
C LYS A 279 0.29 -2.85 -0.97
N PHE A 280 1.61 -2.70 -1.08
CA PHE A 280 2.44 -2.48 0.10
C PHE A 280 2.98 -1.06 0.30
N SER A 281 2.89 -0.20 -0.72
CA SER A 281 3.50 1.14 -0.66
C SER A 281 2.67 2.20 0.03
N PHE A 282 1.35 2.01 0.09
CA PHE A 282 0.40 3.02 0.57
C PHE A 282 0.65 4.41 -0.01
N THR A 283 0.74 4.44 -1.32
CA THR A 283 0.74 5.66 -2.12
C THR A 283 -0.46 5.55 -3.03
N ASN A 284 -0.92 6.66 -3.59
CA ASN A 284 -1.74 6.55 -4.79
C ASN A 284 -1.20 7.51 -5.84
N GLN A 285 -0.70 6.92 -6.91
CA GLN A 285 0.09 7.64 -7.88
C GLN A 285 -0.74 8.05 -9.06
N PRO A 286 -0.41 9.18 -9.69
CA PRO A 286 -1.13 9.53 -10.90
C PRO A 286 -0.76 8.66 -12.10
N SER A 287 0.38 7.98 -12.02
CA SER A 287 0.84 7.09 -13.07
C SER A 287 1.68 5.96 -12.47
N TYR A 288 1.59 4.77 -13.05
CA TYR A 288 2.40 3.63 -12.61
C TYR A 288 3.40 3.16 -13.66
N SER A 289 3.82 4.06 -14.55
CA SER A 289 4.95 3.78 -15.41
C SER A 289 6.19 3.64 -14.52
N LEU A 290 7.11 2.77 -14.91
CA LEU A 290 8.33 2.57 -14.14
C LEU A 290 9.13 3.88 -14.05
N ASP A 291 9.14 4.64 -15.14
CA ASP A 291 9.82 5.93 -15.13
C ASP A 291 9.25 6.86 -14.06
N TYR A 292 7.92 6.89 -13.96
CA TYR A 292 7.26 7.78 -13.01
C TYR A 292 7.51 7.34 -11.57
N ILE A 293 7.38 6.04 -11.33
CA ILE A 293 7.57 5.51 -9.98
C ILE A 293 9.05 5.58 -9.56
N SER A 294 9.96 5.35 -10.51
CA SER A 294 11.38 5.46 -10.23
C SER A 294 11.78 6.87 -9.83
N GLU A 295 11.26 7.86 -10.55
CA GLU A 295 11.50 9.25 -10.22
C GLU A 295 10.99 9.55 -8.81
N PHE A 296 9.78 9.11 -8.53
CA PHE A 296 9.17 9.34 -7.24
C PHE A 296 9.96 8.69 -6.09
N GLU A 297 10.37 7.45 -6.26
CA GLU A 297 11.02 6.70 -5.18
C GLU A 297 12.50 7.00 -5.02
N LEU A 298 13.18 7.21 -6.15
CA LEU A 298 14.64 7.25 -6.18
C LEU A 298 15.20 8.62 -6.56
N ASN A 299 14.36 9.53 -7.05
CA ASN A 299 14.82 10.81 -7.58
C ASN A 299 15.82 10.66 -8.74
N VAL A 300 15.55 9.70 -9.62
CA VAL A 300 16.36 9.51 -10.82
C VAL A 300 15.60 10.11 -11.99
N GLY A 301 16.32 10.80 -12.87
CA GLY A 301 15.70 11.45 -14.02
C GLY A 301 15.17 10.43 -15.00
N LYS A 302 14.02 10.75 -15.61
CA LYS A 302 13.39 9.89 -16.61
C LYS A 302 14.40 9.48 -17.71
N LEU A 303 14.30 8.22 -18.16
CA LEU A 303 15.17 7.71 -19.22
C LEU A 303 14.78 8.31 -20.57
N LYS A 304 15.63 9.22 -21.06
CA LYS A 304 15.33 10.05 -22.23
C LYS A 304 15.78 9.42 -23.56
N TYR A 305 14.94 9.53 -24.58
CA TYR A 305 15.31 9.16 -25.94
C TYR A 305 14.50 9.96 -26.94
N ASP A 306 15.02 10.10 -28.17
CA ASP A 306 14.31 10.79 -29.24
C ASP A 306 13.44 9.81 -30.02
N GLY A 307 12.32 10.31 -30.52
CA GLY A 307 11.43 9.54 -31.41
C GLY A 307 10.66 8.48 -30.65
N PRO A 308 9.77 7.76 -31.35
CA PRO A 308 8.94 6.76 -30.68
C PRO A 308 9.71 5.52 -30.30
N ILE A 309 9.18 4.79 -29.31
CA ILE A 309 9.82 3.57 -28.83
C ILE A 309 9.86 2.53 -29.96
N SER A 310 8.88 2.58 -30.86
CA SER A 310 8.82 1.69 -32.00
C SER A 310 9.93 1.91 -33.04
N LYS A 311 10.66 3.03 -32.94
CA LYS A 311 11.81 3.27 -33.82
C LYS A 311 13.13 3.34 -33.07
N LEU A 312 13.10 3.14 -31.76
CA LEU A 312 14.30 3.31 -30.95
C LEU A 312 15.35 2.25 -31.26
N ARG A 313 14.95 1.00 -31.44
CA ARG A 313 15.94 -0.04 -31.73
C ARG A 313 16.71 0.29 -33.01
N GLU A 314 15.99 0.57 -34.09
CA GLU A 314 16.64 0.84 -35.38
C GLU A 314 17.44 2.15 -35.38
N SER A 315 16.99 3.16 -34.67
CA SER A 315 17.70 4.45 -34.67
C SER A 315 18.85 4.49 -33.67
N ASN A 316 18.68 3.83 -32.52
CA ASN A 316 19.68 3.88 -31.46
C ASN A 316 19.66 2.64 -30.59
N HIS A 317 20.06 1.52 -31.19
CA HIS A 317 20.12 0.21 -30.52
C HIS A 317 21.01 0.24 -29.25
N GLN A 318 22.06 1.05 -29.29
CA GLN A 318 22.93 1.22 -28.13
C GLN A 318 22.12 1.65 -26.92
N ARG A 319 21.35 2.73 -27.07
CA ARG A 319 20.51 3.24 -25.99
C ARG A 319 19.37 2.28 -25.64
N TYR A 320 18.79 1.66 -26.66
CA TYR A 320 17.71 0.68 -26.51
C TYR A 320 18.08 -0.41 -25.51
N ILE A 321 19.27 -0.98 -25.68
CA ILE A 321 19.72 -2.05 -24.79
C ILE A 321 20.05 -1.50 -23.41
N SER A 322 20.76 -0.37 -23.35
CA SER A 322 21.11 0.23 -22.07
C SER A 322 19.87 0.53 -21.22
N TYR A 323 18.81 1.00 -21.86
CA TYR A 323 17.58 1.35 -21.16
C TYR A 323 16.82 0.12 -20.69
N ASN A 324 16.92 -0.98 -21.42
CA ASN A 324 16.41 -2.28 -20.96
C ASN A 324 17.15 -2.73 -19.69
N ILE A 325 18.48 -2.60 -19.67
CA ILE A 325 19.25 -2.97 -18.49
C ILE A 325 18.90 -2.06 -17.31
N ILE A 326 18.87 -0.75 -17.54
CA ILE A 326 18.56 0.19 -16.47
C ILE A 326 17.16 -0.03 -15.87
N ALA A 327 16.18 -0.34 -16.73
CA ALA A 327 14.82 -0.67 -16.30
C ALA A 327 14.80 -1.81 -15.28
N VAL A 328 15.59 -2.84 -15.51
CA VAL A 328 15.68 -3.96 -14.56
C VAL A 328 16.32 -3.50 -13.25
N TYR A 329 17.38 -2.72 -13.35
CA TYR A 329 18.08 -2.23 -12.17
C TYR A 329 17.21 -1.30 -11.32
N ARG A 330 16.39 -0.48 -11.97
CA ARG A 330 15.53 0.46 -11.23
C ARG A 330 14.59 -0.29 -10.28
N VAL A 331 14.03 -1.40 -10.75
CA VAL A 331 13.20 -2.22 -9.88
C VAL A 331 13.97 -2.78 -8.68
N LEU A 332 15.21 -3.20 -8.92
CA LEU A 332 16.09 -3.65 -7.82
C LEU A 332 16.36 -2.53 -6.82
N GLN A 333 16.56 -1.32 -7.31
CA GLN A 333 16.75 -0.15 -6.47
C GLN A 333 15.52 0.20 -5.64
N ILE A 334 14.34 0.10 -6.25
CA ILE A 334 13.10 0.32 -5.51
C ILE A 334 13.00 -0.70 -4.38
N ASP A 335 13.30 -1.97 -4.69
CA ASP A 335 13.22 -3.01 -3.67
C ASP A 335 14.27 -2.89 -2.58
N ALA A 336 15.48 -2.45 -2.91
CA ALA A 336 16.49 -2.15 -1.89
C ALA A 336 15.95 -1.13 -0.89
N LYS A 337 15.21 -0.15 -1.40
CA LYS A 337 14.57 0.86 -0.56
C LYS A 337 13.35 0.31 0.20
N ARG A 338 12.39 -0.22 -0.54
CA ARG A 338 11.08 -0.56 0.00
C ARG A 338 11.00 -1.92 0.67
N GLN A 339 11.81 -2.86 0.20
CA GLN A 339 11.95 -4.20 0.80
C GLN A 339 10.65 -5.02 0.78
N PHE A 340 9.92 -4.93 -0.33
CA PHE A 340 8.65 -5.63 -0.46
C PHE A 340 8.83 -7.13 -0.73
N ILE A 341 9.94 -7.52 -1.34
CA ILE A 341 10.22 -8.95 -1.56
C ILE A 341 10.51 -9.61 -0.21
N ASN A 342 11.34 -8.94 0.59
CA ASN A 342 11.62 -9.38 1.96
C ASN A 342 10.36 -9.53 2.81
N LEU A 343 9.48 -8.53 2.74
CA LEU A 343 8.16 -8.57 3.42
C LEU A 343 7.34 -9.77 2.96
N SER A 344 7.32 -10.01 1.65
CA SER A 344 6.55 -11.11 1.08
C SER A 344 7.05 -12.48 1.55
N LEU A 345 8.36 -12.65 1.57
CA LEU A 345 8.96 -13.90 2.05
C LEU A 345 8.63 -14.10 3.53
N ASP A 346 8.83 -13.05 4.33
CA ASP A 346 8.52 -13.07 5.76
C ASP A 346 7.08 -13.57 6.03
N MET A 347 6.10 -12.91 5.40
CA MET A 347 4.70 -13.22 5.64
C MET A 347 4.27 -14.56 5.05
N GLY A 348 4.80 -14.89 3.88
CA GLY A 348 4.52 -16.17 3.25
C GLY A 348 4.97 -17.35 4.08
N TYR A 349 6.20 -17.27 4.60
CA TYR A 349 6.77 -18.36 5.35
C TYR A 349 6.14 -18.44 6.74
N TYR A 350 5.72 -17.30 7.28
CA TYR A 350 5.04 -17.25 8.58
C TYR A 350 3.70 -17.97 8.49
N ALA A 351 2.97 -17.74 7.41
CA ALA A 351 1.65 -18.33 7.23
C ALA A 351 1.71 -19.76 6.68
N LYS A 352 2.84 -20.11 6.04
CA LYS A 352 3.03 -21.38 5.35
C LYS A 352 2.09 -21.49 4.15
N ILE A 353 2.26 -20.54 3.23
CA ILE A 353 1.47 -20.47 2.02
C ILE A 353 2.42 -20.37 0.84
N GLN A 354 1.89 -20.56 -0.36
CA GLN A 354 2.60 -20.13 -1.56
C GLN A 354 2.92 -18.65 -1.38
N ILE A 355 4.14 -18.24 -1.67
CA ILE A 355 4.55 -16.84 -1.43
C ILE A 355 3.59 -15.86 -2.14
N GLN A 356 3.11 -16.19 -3.34
CA GLN A 356 2.24 -15.28 -4.09
C GLN A 356 0.88 -15.07 -3.41
N SER A 357 0.55 -15.94 -2.44
CA SER A 357 -0.70 -15.78 -1.70
C SER A 357 -0.68 -14.62 -0.71
N VAL A 358 0.49 -14.01 -0.48
CA VAL A 358 0.55 -12.81 0.35
C VAL A 358 -0.35 -11.68 -0.18
N PHE A 359 -0.71 -11.73 -1.46
CA PHE A 359 -1.70 -10.80 -2.02
C PHE A 359 -3.13 -11.00 -1.50
N SER A 360 -3.39 -12.12 -0.84
CA SER A 360 -4.73 -12.46 -0.37
C SER A 360 -4.70 -12.63 1.17
N PRO A 361 -5.18 -11.61 1.89
CA PRO A 361 -5.27 -11.73 3.36
C PRO A 361 -6.18 -12.87 3.84
N ILE A 362 -7.20 -13.20 3.06
CA ILE A 362 -8.07 -14.34 3.37
C ILE A 362 -7.28 -15.65 3.31
N LYS A 363 -6.52 -15.87 2.24
CA LYS A 363 -5.68 -17.06 2.14
C LYS A 363 -4.63 -17.10 3.26
N THR A 364 -4.03 -15.95 3.55
CA THR A 364 -2.99 -15.84 4.57
C THR A 364 -3.54 -16.22 5.95
N TRP A 365 -4.67 -15.64 6.30
CA TRP A 365 -5.26 -15.91 7.60
C TRP A 365 -5.83 -17.32 7.67
N ASP A 366 -6.36 -17.83 6.56
CA ASP A 366 -6.90 -19.20 6.57
C ASP A 366 -5.78 -20.18 6.94
N ALA A 367 -4.62 -19.97 6.36
CA ALA A 367 -3.44 -20.79 6.63
C ALA A 367 -2.90 -20.63 8.05
N ILE A 368 -2.81 -19.38 8.54
CA ILE A 368 -2.32 -19.12 9.90
C ILE A 368 -3.21 -19.83 10.91
N ILE A 369 -4.51 -19.64 10.73
CA ILE A 369 -5.47 -20.18 11.68
C ILE A 369 -5.51 -21.72 11.62
N PHE A 370 -5.45 -22.27 10.41
CA PHE A 370 -5.37 -23.72 10.21
C PHE A 370 -4.17 -24.33 10.92
N ASN A 371 -2.99 -23.77 10.70
CA ASN A 371 -1.77 -24.27 11.35
C ASN A 371 -1.87 -24.20 12.86
N SER A 372 -2.45 -23.12 13.37
CA SER A 372 -2.62 -22.91 14.79
C SER A 372 -3.54 -23.97 15.41
N LEU A 373 -4.69 -24.19 14.77
CA LEU A 373 -5.68 -25.15 15.27
C LEU A 373 -5.16 -26.60 15.14
N LYS A 374 -4.49 -26.90 14.04
CA LYS A 374 -3.91 -28.22 13.83
C LYS A 374 -2.94 -28.63 14.92
N GLU A 375 -2.14 -27.68 15.40
CA GLU A 375 -1.23 -27.91 16.53
C GLU A 375 -1.95 -28.48 17.77
N GLN A 376 -3.22 -28.17 17.93
CA GLN A 376 -4.00 -28.61 19.08
C GLN A 376 -4.96 -29.75 18.72
N ASN A 377 -4.70 -30.41 17.59
CA ASN A 377 -5.58 -31.47 17.04
C ASN A 377 -7.02 -31.03 16.79
N LYS A 378 -7.22 -29.74 16.58
CA LYS A 378 -8.52 -29.23 16.21
C LYS A 378 -8.70 -29.21 14.70
N VAL A 379 -9.96 -29.24 14.28
CA VAL A 379 -10.34 -29.43 12.89
C VAL A 379 -11.13 -28.23 12.40
N ILE A 380 -10.69 -27.63 11.30
CA ILE A 380 -11.33 -26.41 10.79
C ILE A 380 -12.67 -26.74 10.13
N PRO A 381 -13.63 -25.80 10.20
CA PRO A 381 -14.91 -26.01 9.53
C PRO A 381 -14.82 -25.91 8.01
N GLN A 382 -15.80 -26.48 7.32
CA GLN A 382 -15.89 -26.32 5.89
C GLN A 382 -16.27 -24.90 5.55
N GLY A 383 -15.73 -24.40 4.44
CA GLY A 383 -16.17 -23.11 3.89
C GLY A 383 -17.58 -23.22 3.35
N ARG A 384 -18.39 -22.18 3.57
CA ARG A 384 -19.79 -22.16 3.15
C ARG A 384 -20.08 -20.96 2.26
N SER A 385 -21.17 -21.05 1.52
CA SER A 385 -21.63 -19.99 0.64
C SER A 385 -22.45 -18.99 1.44
N HIS A 386 -22.18 -17.69 1.26
CA HIS A 386 -23.00 -16.64 1.88
C HIS A 386 -23.32 -15.54 0.88
N PRO A 387 -24.56 -15.01 0.93
CA PRO A 387 -24.90 -13.83 0.13
C PRO A 387 -24.25 -12.57 0.70
N VAL A 388 -23.78 -11.68 -0.19
CA VAL A 388 -23.17 -10.43 0.26
C VAL A 388 -24.23 -9.53 0.89
N GLN A 389 -23.99 -9.11 2.13
CA GLN A 389 -24.90 -8.26 2.88
C GLN A 389 -24.14 -7.03 3.40
N PRO A 390 -24.74 -5.83 3.31
CA PRO A 390 -24.06 -4.66 3.90
C PRO A 390 -24.08 -4.71 5.42
N TYR A 391 -23.10 -4.08 6.06
CA TYR A 391 -23.09 -3.99 7.52
C TYR A 391 -22.42 -2.71 7.98
N PRO A 392 -22.71 -2.27 9.21
CA PRO A 392 -22.23 -0.97 9.68
C PRO A 392 -20.77 -0.95 10.10
N GLY A 393 -20.15 0.21 9.91
CA GLY A 393 -18.74 0.40 10.18
C GLY A 393 -18.52 1.40 11.30
N ALA A 394 -17.62 2.33 11.06
CA ALA A 394 -17.16 3.28 12.08
C ALA A 394 -18.09 4.47 12.23
N PHE A 395 -17.94 5.15 13.35
CA PHE A 395 -18.54 6.45 13.57
C PHE A 395 -17.54 7.57 13.28
N VAL A 396 -18.07 8.62 12.65
CA VAL A 396 -17.33 9.84 12.37
C VAL A 396 -18.16 11.03 12.87
N LYS A 397 -17.57 11.85 13.72
CA LYS A 397 -18.22 13.04 14.27
C LYS A 397 -18.29 14.14 13.22
N GLU A 398 -19.43 14.83 13.16
CA GLU A 398 -19.54 16.00 12.27
C GLU A 398 -18.88 17.18 12.96
N PRO A 399 -17.76 17.68 12.41
CA PRO A 399 -17.09 18.82 13.02
C PRO A 399 -17.73 20.15 12.62
N ILE A 400 -17.62 21.14 13.49
CA ILE A 400 -18.04 22.49 13.16
C ILE A 400 -16.92 23.10 12.32
N PRO A 401 -17.22 23.48 11.06
CA PRO A 401 -16.16 24.04 10.22
C PRO A 401 -15.61 25.33 10.83
N ASN A 402 -14.30 25.43 10.95
CA ASN A 402 -13.69 26.55 11.65
C ASN A 402 -12.19 26.41 11.63
N ARG A 403 -11.51 27.49 11.99
CA ARG A 403 -10.14 27.40 12.42
C ARG A 403 -10.12 26.82 13.83
N TYR A 404 -9.04 26.10 14.14
CA TYR A 404 -8.80 25.55 15.47
C TYR A 404 -7.31 25.77 15.76
N LYS A 405 -7.04 26.61 16.76
CA LYS A 405 -5.69 27.12 16.99
C LYS A 405 -4.73 26.09 17.60
N TYR A 406 -5.07 25.58 18.78
CA TYR A 406 -4.27 24.59 19.47
C TYR A 406 -5.03 23.27 19.50
N VAL A 407 -4.40 22.20 19.02
CA VAL A 407 -5.03 20.88 18.99
C VAL A 407 -4.11 19.76 19.46
N MET A 408 -4.65 18.88 20.30
CA MET A 408 -4.02 17.61 20.61
C MET A 408 -4.91 16.46 20.15
N SER A 409 -4.34 15.54 19.39
CA SER A 409 -5.06 14.37 18.97
C SER A 409 -4.62 13.13 19.76
N PHE A 410 -5.55 12.18 19.89
CA PHE A 410 -5.27 10.89 20.50
C PHE A 410 -5.99 9.81 19.67
N ASP A 411 -5.39 8.63 19.53
CA ASP A 411 -6.12 7.51 18.93
C ASP A 411 -5.63 6.14 19.41
N LEU A 412 -6.52 5.16 19.31
CA LEU A 412 -6.25 3.81 19.79
C LEU A 412 -5.14 3.11 19.00
N THR A 413 -4.22 2.49 19.73
CA THR A 413 -3.24 1.60 19.12
C THR A 413 -3.96 0.39 18.54
N SER A 414 -3.69 0.08 17.26
CA SER A 414 -4.31 -1.05 16.55
C SER A 414 -5.75 -1.30 16.98
N ALA A 415 -6.64 -0.36 16.67
CA ALA A 415 -7.97 -0.32 17.25
C ALA A 415 -8.76 -1.62 17.09
N TYR A 416 -9.03 -2.03 15.85
CA TYR A 416 -9.88 -3.21 15.61
C TYR A 416 -9.25 -4.51 16.14
N PRO A 417 -7.94 -4.73 15.92
CA PRO A 417 -7.27 -5.89 16.52
C PRO A 417 -7.33 -5.87 18.06
N SER A 418 -7.11 -4.71 18.68
CA SER A 418 -7.25 -4.57 20.12
C SER A 418 -8.68 -4.86 20.62
N ILE A 419 -9.69 -4.46 19.85
CA ILE A 419 -11.09 -4.78 20.18
C ILE A 419 -11.32 -6.30 20.15
N ILE A 420 -10.81 -6.96 19.11
CA ILE A 420 -10.88 -8.39 19.01
C ILE A 420 -10.26 -9.08 20.23
N ARG A 421 -9.08 -8.62 20.64
CA ARG A 421 -8.37 -9.20 21.76
C ARG A 421 -9.12 -8.91 23.07
N GLN A 422 -9.58 -7.66 23.24
CA GLN A 422 -10.23 -7.23 24.47
C GLN A 422 -11.55 -7.97 24.68
N VAL A 423 -12.35 -8.06 23.62
CA VAL A 423 -13.70 -8.66 23.71
C VAL A 423 -13.64 -10.19 23.62
N ASN A 424 -12.56 -10.69 23.01
CA ASN A 424 -12.33 -12.12 22.73
C ASN A 424 -13.22 -12.62 21.58
N ILE A 425 -13.21 -11.87 20.48
CA ILE A 425 -14.07 -12.15 19.35
C ILE A 425 -13.42 -13.19 18.43
N SER A 426 -14.12 -14.31 18.25
CA SER A 426 -13.57 -15.44 17.50
C SER A 426 -14.76 -16.36 17.14
N PRO A 427 -14.63 -17.15 16.06
CA PRO A 427 -15.73 -18.05 15.72
C PRO A 427 -16.14 -18.99 16.85
N GLU A 428 -15.16 -19.49 17.61
CA GLU A 428 -15.43 -20.54 18.60
C GLU A 428 -15.66 -20.00 20.01
N THR A 429 -15.63 -18.69 20.18
CA THR A 429 -15.80 -18.10 21.52
C THR A 429 -17.18 -17.47 21.72
N ILE A 430 -18.07 -17.59 20.73
CA ILE A 430 -19.40 -17.01 20.83
C ILE A 430 -20.15 -17.79 21.90
N ALA A 431 -20.63 -17.06 22.91
CA ALA A 431 -21.34 -17.65 24.03
C ALA A 431 -22.84 -17.42 23.96
N GLY A 432 -23.31 -16.49 23.11
CA GLY A 432 -24.74 -16.19 23.05
C GLY A 432 -25.03 -14.75 22.73
N THR A 433 -26.24 -14.29 23.04
CA THR A 433 -26.63 -12.92 22.80
C THR A 433 -27.29 -12.32 24.03
N PHE A 434 -27.38 -11.00 24.06
CA PHE A 434 -28.18 -10.30 25.06
C PHE A 434 -29.04 -9.27 24.38
N LYS A 435 -30.07 -8.81 25.09
CA LYS A 435 -31.02 -7.86 24.55
C LYS A 435 -30.41 -6.46 24.48
N VAL A 436 -30.27 -5.94 23.26
CA VAL A 436 -29.56 -4.68 23.05
C VAL A 436 -30.44 -3.47 23.29
N ALA A 437 -29.84 -2.46 23.92
CA ALA A 437 -30.42 -1.14 24.03
C ALA A 437 -29.83 -0.28 22.91
N PRO A 438 -30.43 0.89 22.62
CA PRO A 438 -29.81 1.83 21.71
C PRO A 438 -28.37 2.15 22.09
N LEU A 439 -27.49 2.27 21.09
CA LEU A 439 -26.07 2.50 21.32
C LEU A 439 -25.82 3.67 22.26
N HIS A 440 -26.58 4.74 22.05
CA HIS A 440 -26.55 5.95 22.87
C HIS A 440 -26.67 5.62 24.38
N ASP A 441 -27.48 4.64 24.73
CA ASP A 441 -27.62 4.25 26.13
C ASP A 441 -26.36 3.59 26.70
N TYR A 442 -25.59 2.88 25.88
CA TYR A 442 -24.31 2.34 26.32
C TYR A 442 -23.30 3.47 26.42
N ILE A 443 -23.26 4.33 25.40
CA ILE A 443 -22.34 5.48 25.38
C ILE A 443 -22.44 6.33 26.63
N ASN A 444 -23.68 6.53 27.09
CA ASN A 444 -23.94 7.34 28.29
C ASN A 444 -24.12 6.50 29.56
N ALA A 445 -23.81 5.20 29.46
CA ALA A 445 -23.72 4.33 30.63
C ALA A 445 -25.03 4.29 31.41
N VAL A 446 -26.17 4.30 30.72
CA VAL A 446 -27.47 4.16 31.36
C VAL A 446 -28.13 2.82 31.04
N ALA A 447 -27.66 2.15 30.00
CA ALA A 447 -28.17 0.82 29.68
C ALA A 447 -27.78 -0.17 30.77
N GLU A 448 -28.63 -1.17 30.95
CA GLU A 448 -28.35 -2.31 31.82
C GLU A 448 -27.04 -2.97 31.41
N ARG A 449 -26.25 -3.39 32.40
CA ARG A 449 -25.01 -4.11 32.13
C ARG A 449 -25.36 -5.38 31.36
N PRO A 450 -24.73 -5.60 30.18
CA PRO A 450 -25.14 -6.74 29.32
C PRO A 450 -25.02 -8.14 29.93
N SER A 451 -23.92 -8.41 30.63
CA SER A 451 -23.66 -9.74 31.19
C SER A 451 -22.79 -9.65 32.43
N ASP A 452 -23.03 -10.56 33.36
CA ASP A 452 -22.18 -10.76 34.52
C ASP A 452 -21.35 -12.04 34.41
N VAL A 453 -21.35 -12.62 33.21
CA VAL A 453 -20.63 -13.86 32.96
C VAL A 453 -19.70 -13.77 31.76
N TYR A 454 -20.19 -13.18 30.67
CA TYR A 454 -19.48 -13.16 29.40
C TYR A 454 -19.00 -11.77 29.02
N SER A 455 -18.07 -11.73 28.06
CA SER A 455 -17.49 -10.49 27.55
C SER A 455 -18.34 -10.02 26.36
N CYS A 456 -18.75 -8.75 26.38
CA CYS A 456 -19.78 -8.27 25.45
C CYS A 456 -19.38 -7.15 24.50
N SER A 457 -20.08 -7.13 23.37
CA SER A 457 -20.06 -5.99 22.48
C SER A 457 -21.48 -5.45 22.41
N PRO A 458 -21.64 -4.11 22.29
CA PRO A 458 -22.96 -3.47 22.25
C PRO A 458 -23.82 -3.82 21.04
N ASN A 459 -23.35 -4.69 20.14
CA ASN A 459 -24.21 -5.23 19.08
C ASN A 459 -25.07 -6.41 19.51
N GLY A 460 -24.92 -6.83 20.76
CA GLY A 460 -25.72 -7.92 21.33
C GLY A 460 -24.99 -9.23 21.49
N MET A 461 -23.71 -9.29 21.12
CA MET A 461 -22.95 -10.52 21.19
C MET A 461 -22.23 -10.68 22.51
N MET A 462 -22.14 -11.94 22.97
CA MET A 462 -21.43 -12.32 24.19
C MET A 462 -20.38 -13.37 23.85
N TYR A 463 -19.23 -13.30 24.53
CA TYR A 463 -18.10 -14.19 24.27
C TYR A 463 -17.53 -14.82 25.53
N TYR A 464 -16.99 -16.05 25.40
CA TYR A 464 -16.40 -16.74 26.56
C TYR A 464 -15.21 -15.96 27.11
N LYS A 465 -14.99 -16.08 28.42
CA LYS A 465 -13.86 -15.47 29.08
C LYS A 465 -12.84 -16.47 29.63
N ASP A 466 -13.10 -17.76 29.49
CA ASP A 466 -12.23 -18.76 30.11
C ASP A 466 -10.94 -18.97 29.32
N ARG A 467 -11.00 -18.78 28.00
CA ARG A 467 -9.85 -19.03 27.16
C ARG A 467 -9.89 -18.13 25.91
N ASP A 468 -8.71 -17.74 25.44
CA ASP A 468 -8.59 -16.92 24.23
C ASP A 468 -9.04 -17.72 23.01
N GLY A 469 -9.77 -17.05 22.12
CA GLY A 469 -10.10 -17.62 20.82
C GLY A 469 -8.88 -17.67 19.92
N VAL A 470 -8.95 -18.48 18.88
CA VAL A 470 -7.84 -18.60 17.94
C VAL A 470 -7.57 -17.28 17.20
N VAL A 471 -8.62 -16.50 16.93
CA VAL A 471 -8.45 -15.22 16.24
C VAL A 471 -7.69 -14.22 17.13
N PRO A 472 -8.16 -14.00 18.37
CA PRO A 472 -7.33 -13.20 19.29
C PRO A 472 -5.89 -13.71 19.43
N THR A 473 -5.70 -15.02 19.53
CA THR A 473 -4.36 -15.58 19.78
C THR A 473 -3.41 -15.27 18.61
N GLU A 474 -3.87 -15.51 17.40
CA GLU A 474 -3.04 -15.29 16.22
C GLU A 474 -2.91 -13.84 15.84
N ILE A 475 -3.95 -13.04 16.05
CA ILE A 475 -3.87 -11.60 15.76
C ILE A 475 -2.85 -10.93 16.71
N THR A 476 -2.77 -11.42 17.95
CA THR A 476 -1.81 -10.90 18.94
C THR A 476 -0.36 -11.11 18.50
N LYS A 477 -0.07 -12.29 17.95
CA LYS A 477 1.29 -12.62 17.49
C LYS A 477 1.76 -11.65 16.40
N VAL A 478 0.92 -11.39 15.40
CA VAL A 478 1.31 -10.43 14.35
C VAL A 478 1.30 -8.99 14.86
N PHE A 479 0.37 -8.65 15.73
CA PHE A 479 0.40 -7.34 16.38
C PHE A 479 1.74 -7.09 17.08
N ASN A 480 2.24 -8.07 17.81
CA ASN A 480 3.52 -7.92 18.50
C ASN A 480 4.69 -7.72 17.53
N GLN A 481 4.70 -8.44 16.40
CA GLN A 481 5.69 -8.18 15.36
C GLN A 481 5.57 -6.74 14.87
N ARG A 482 4.34 -6.31 14.60
CA ARG A 482 4.09 -4.95 14.10
C ARG A 482 4.68 -3.91 15.04
N LYS A 483 4.40 -4.07 16.34
CA LYS A 483 4.88 -3.16 17.36
C LYS A 483 6.41 -3.07 17.42
N GLU A 484 7.08 -4.22 17.32
CA GLU A 484 8.55 -4.22 17.28
C GLU A 484 9.09 -3.35 16.12
N HIS A 485 8.56 -3.57 14.92
CA HIS A 485 9.02 -2.82 13.75
C HIS A 485 8.65 -1.34 13.78
N LYS A 486 7.46 -1.03 14.30
CA LYS A 486 7.09 0.37 14.46
C LYS A 486 8.08 1.08 15.40
N GLY A 487 8.55 0.38 16.43
CA GLY A 487 9.53 0.95 17.34
C GLY A 487 10.81 1.33 16.60
N TYR A 488 11.25 0.45 15.70
CA TYR A 488 12.45 0.72 14.93
C TYR A 488 12.22 1.90 13.99
N MET A 489 11.01 1.97 13.41
CA MET A 489 10.67 3.06 12.49
C MET A 489 10.69 4.41 13.18
N LEU A 490 10.10 4.48 14.38
CA LEU A 490 10.03 5.74 15.11
C LEU A 490 11.40 6.17 15.66
N ALA A 491 12.20 5.23 16.12
CA ALA A 491 13.59 5.56 16.49
C ALA A 491 14.34 6.16 15.31
N ALA A 492 14.22 5.54 14.13
CA ALA A 492 14.94 6.04 12.96
C ALA A 492 14.49 7.44 12.62
N GLN A 493 13.19 7.66 12.76
CA GLN A 493 12.59 8.95 12.54
C GLN A 493 13.13 9.98 13.54
N ARG A 494 13.15 9.63 14.83
CA ARG A 494 13.69 10.55 15.83
C ARG A 494 15.17 10.84 15.55
N ASN A 495 15.92 9.81 15.18
CA ASN A 495 17.32 9.96 14.84
C ASN A 495 17.50 10.90 13.66
N GLY A 496 16.63 10.78 12.66
CA GLY A 496 16.61 11.69 11.51
C GLY A 496 16.52 13.14 11.93
N GLU A 497 15.65 13.45 12.88
CA GLU A 497 15.50 14.82 13.37
C GLU A 497 16.74 15.36 14.11
N ILE A 498 17.47 14.50 14.80
CA ILE A 498 18.72 14.90 15.44
C ILE A 498 19.74 15.36 14.38
N ILE A 499 19.81 14.62 13.28
CA ILE A 499 20.72 14.97 12.19
C ILE A 499 20.32 16.26 11.50
N LYS A 500 19.03 16.45 11.24
CA LYS A 500 18.53 17.71 10.69
C LYS A 500 18.87 18.93 11.56
N GLU A 501 18.72 18.80 12.88
CA GLU A 501 19.13 19.87 13.80
C GLU A 501 20.63 20.14 13.66
N ALA A 502 21.44 19.07 13.66
CA ALA A 502 22.89 19.21 13.57
C ALA A 502 23.32 19.86 12.26
N LEU A 503 22.57 19.59 11.19
CA LEU A 503 22.84 20.22 9.89
C LEU A 503 22.72 21.75 9.87
N HIS A 504 22.15 22.35 10.91
CA HIS A 504 22.12 23.81 11.01
C HIS A 504 23.52 24.37 11.26
N ASN A 505 24.39 23.55 11.85
CA ASN A 505 25.75 23.96 12.18
C ASN A 505 26.79 22.92 11.77
N PRO A 506 26.92 22.66 10.46
CA PRO A 506 27.85 21.66 9.98
C PRO A 506 29.29 22.12 10.15
N ASN A 507 30.21 21.18 10.28
CA ASN A 507 31.61 21.50 10.54
C ASN A 507 32.44 21.54 9.28
N LEU A 508 33.41 22.45 9.26
CA LEU A 508 34.28 22.61 8.11
C LEU A 508 35.43 21.63 8.25
N SER A 509 35.19 20.40 7.80
CA SER A 509 36.13 19.31 7.95
C SER A 509 35.87 18.19 6.96
N VAL A 510 36.81 17.23 6.91
CA VAL A 510 36.69 16.06 6.07
C VAL A 510 36.66 14.87 7.02
N ASP A 511 35.57 14.10 6.94
CA ASP A 511 35.31 13.03 7.89
C ASP A 511 34.31 12.05 7.27
N GLU A 512 33.92 11.04 8.04
CA GLU A 512 33.06 9.97 7.53
C GLU A 512 31.79 9.87 8.35
N PRO A 513 30.69 9.34 7.73
CA PRO A 513 29.49 9.10 8.52
C PRO A 513 29.79 8.06 9.59
N LEU A 514 29.16 8.18 10.75
CA LEU A 514 29.32 7.24 11.84
C LEU A 514 28.63 5.92 11.51
N ASP A 515 29.28 4.81 11.84
CA ASP A 515 28.69 3.48 11.70
C ASP A 515 27.77 3.21 12.88
N VAL A 516 26.46 3.34 12.66
CA VAL A 516 25.48 3.21 13.73
C VAL A 516 24.26 2.39 13.30
N ASP A 517 23.49 1.94 14.27
CA ASP A 517 22.20 1.29 14.01
C ASP A 517 21.06 2.29 14.25
N TYR A 518 20.49 2.77 13.16
CA TYR A 518 19.50 3.83 13.17
C TYR A 518 18.13 3.39 13.73
N ARG A 519 17.98 2.08 13.96
CA ARG A 519 16.77 1.52 14.58
C ARG A 519 16.69 1.77 16.08
N PHE A 520 17.77 2.31 16.67
CA PHE A 520 17.85 2.55 18.10
C PHE A 520 18.22 4.01 18.34
N ASP A 521 17.55 4.65 19.29
CA ASP A 521 17.78 6.06 19.60
C ASP A 521 19.27 6.30 19.85
N PHE A 522 19.81 7.33 19.22
CA PHE A 522 21.22 7.66 19.34
C PHE A 522 21.57 7.91 20.81
N SER A 523 22.66 7.29 21.26
CA SER A 523 23.24 7.58 22.56
C SER A 523 23.79 9.01 22.64
N ASP A 524 24.08 9.44 23.86
CA ASP A 524 24.73 10.75 24.07
C ASP A 524 26.08 10.85 23.36
N GLU A 525 26.86 9.77 23.35
CA GLU A 525 28.14 9.78 22.65
C GLU A 525 27.96 10.01 21.16
N ILE A 526 26.98 9.33 20.56
CA ILE A 526 26.69 9.52 19.14
C ILE A 526 26.24 10.96 18.86
N LYS A 527 25.39 11.51 19.73
CA LYS A 527 24.93 12.89 19.58
C LYS A 527 26.09 13.88 19.58
N GLU A 528 27.08 13.65 20.44
CA GLU A 528 28.22 14.57 20.53
C GLU A 528 29.06 14.51 19.26
N LYS A 529 29.31 13.31 18.76
CA LYS A 529 30.06 13.13 17.53
C LYS A 529 29.34 13.79 16.36
N ILE A 530 28.02 13.59 16.29
CA ILE A 530 27.19 14.18 15.24
C ILE A 530 27.38 15.70 15.13
N LYS A 531 27.42 16.37 16.28
CA LYS A 531 27.61 17.83 16.33
C LYS A 531 28.97 18.31 15.79
N LYS A 532 29.91 17.40 15.56
CA LYS A 532 31.22 17.75 15.03
C LYS A 532 31.41 17.34 13.57
N LEU A 533 30.37 16.73 12.97
CA LEU A 533 30.48 16.22 11.61
C LEU A 533 30.29 17.30 10.52
N SER A 534 30.87 17.03 9.36
CA SER A 534 30.68 17.83 8.15
C SER A 534 29.28 17.63 7.60
N ALA A 535 28.81 18.59 6.82
CA ALA A 535 27.51 18.51 6.16
C ALA A 535 27.42 17.28 5.27
N LYS A 536 28.52 16.94 4.60
CA LYS A 536 28.59 15.75 3.74
C LYS A 536 28.29 14.48 4.50
N SER A 537 28.99 14.29 5.63
CA SER A 537 28.76 13.11 6.47
C SER A 537 27.36 13.13 7.10
N LEU A 538 26.93 14.29 7.58
CA LEU A 538 25.57 14.44 8.11
C LEU A 538 24.50 14.05 7.09
N ASN A 539 24.64 14.55 5.86
CA ASN A 539 23.68 14.25 4.80
C ASN A 539 23.64 12.77 4.43
N GLU A 540 24.81 12.12 4.44
CA GLU A 540 24.84 10.68 4.22
C GLU A 540 24.16 9.94 5.38
N MET A 541 24.40 10.38 6.62
CA MET A 541 23.71 9.80 7.78
C MET A 541 22.19 10.01 7.74
N LEU A 542 21.74 11.18 7.28
CA LEU A 542 20.32 11.43 7.16
C LEU A 542 19.71 10.47 6.14
N PHE A 543 20.38 10.31 5.00
CA PHE A 543 19.90 9.41 3.96
C PHE A 543 19.76 8.00 4.50
N ARG A 544 20.75 7.57 5.28
CA ARG A 544 20.74 6.22 5.86
C ARG A 544 19.65 6.03 6.92
N ALA A 545 19.45 7.04 7.76
CA ALA A 545 18.37 7.05 8.74
C ALA A 545 17.01 6.95 8.06
N GLN A 546 16.85 7.74 7.01
CA GLN A 546 15.61 7.76 6.25
C GLN A 546 15.34 6.43 5.55
N ARG A 547 16.39 5.78 5.04
CA ARG A 547 16.24 4.41 4.51
C ARG A 547 15.87 3.39 5.62
N THR A 548 16.48 3.53 6.80
CA THR A 548 16.10 2.69 7.94
C THR A 548 14.63 2.93 8.30
N GLU A 549 14.21 4.20 8.33
CA GLU A 549 12.81 4.53 8.57
C GLU A 549 11.85 3.88 7.56
N VAL A 550 12.17 4.00 6.28
CA VAL A 550 11.40 3.35 5.22
C VAL A 550 11.31 1.83 5.43
N ALA A 551 12.42 1.21 5.77
CA ALA A 551 12.43 -0.24 5.99
C ALA A 551 11.47 -0.60 7.13
N GLY A 552 11.53 0.18 8.21
CA GLY A 552 10.63 0.02 9.35
C GLY A 552 9.14 0.25 9.03
N MET A 553 8.88 1.26 8.21
CA MET A 553 7.54 1.58 7.72
C MET A 553 6.95 0.41 6.95
N THR A 554 7.68 -0.11 5.97
CA THR A 554 7.22 -1.27 5.20
C THR A 554 6.84 -2.44 6.10
N ALA A 555 7.72 -2.75 7.05
CA ALA A 555 7.54 -3.92 7.92
C ALA A 555 6.36 -3.74 8.86
N GLN A 556 6.21 -2.53 9.42
CA GLN A 556 5.16 -2.30 10.40
C GLN A 556 3.80 -2.03 9.75
N ILE A 557 3.76 -1.16 8.73
CA ILE A 557 2.47 -0.78 8.14
C ILE A 557 1.79 -1.96 7.47
N ASN A 558 2.56 -2.90 6.94
CA ASN A 558 1.90 -4.03 6.26
C ASN A 558 1.52 -5.15 7.21
N ARG A 559 2.14 -5.20 8.39
CA ARG A 559 1.69 -6.09 9.45
C ARG A 559 0.42 -5.52 10.09
N LYS A 560 0.35 -4.19 10.24
CA LYS A 560 -0.89 -3.49 10.59
C LYS A 560 -2.00 -3.80 9.59
N ALA A 561 -1.68 -3.76 8.30
CA ALA A 561 -2.66 -4.02 7.26
C ALA A 561 -3.17 -5.46 7.35
N LEU A 562 -2.28 -6.39 7.67
CA LEU A 562 -2.63 -7.80 7.75
C LEU A 562 -3.62 -8.06 8.89
N ILE A 563 -3.34 -7.48 10.06
CA ILE A 563 -4.22 -7.67 11.22
C ILE A 563 -5.56 -6.92 11.08
N ASN A 564 -5.54 -5.72 10.51
CA ASN A 564 -6.78 -5.03 10.15
C ASN A 564 -7.57 -5.80 9.09
N GLY A 565 -6.87 -6.45 8.16
CA GLY A 565 -7.49 -7.31 7.15
C GLY A 565 -8.19 -8.54 7.73
N LEU A 566 -7.73 -9.02 8.87
CA LEU A 566 -8.42 -10.13 9.54
C LEU A 566 -9.78 -9.68 10.07
N ALA A 567 -9.83 -8.52 10.72
CA ALA A 567 -11.12 -7.91 11.12
C ALA A 567 -12.02 -7.71 9.90
N GLY A 568 -11.44 -7.25 8.79
CA GLY A 568 -12.17 -7.11 7.54
C GLY A 568 -12.62 -8.44 6.93
N ALA A 569 -11.78 -9.46 7.05
CA ALA A 569 -12.08 -10.79 6.48
C ALA A 569 -13.35 -11.41 7.10
N LEU A 570 -13.61 -11.09 8.36
CA LEU A 570 -14.81 -11.58 9.04
C LEU A 570 -16.09 -11.10 8.35
N GLY A 571 -15.98 -10.04 7.57
CA GLY A 571 -17.08 -9.54 6.74
C GLY A 571 -16.93 -9.78 5.24
N ASN A 572 -16.06 -10.72 4.86
CA ASN A 572 -15.94 -11.15 3.44
C ASN A 572 -16.50 -12.58 3.29
N VAL A 573 -17.46 -12.74 2.39
CA VAL A 573 -18.21 -14.00 2.26
C VAL A 573 -17.36 -15.21 1.85
N TRP A 574 -16.14 -14.99 1.35
CA TRP A 574 -15.26 -16.10 0.97
C TRP A 574 -14.37 -16.61 2.10
N PHE A 575 -14.40 -15.95 3.25
CA PHE A 575 -13.53 -16.31 4.37
C PHE A 575 -14.18 -17.47 5.11
N ARG A 576 -13.38 -18.48 5.42
CA ARG A 576 -13.87 -19.64 6.17
C ARG A 576 -14.61 -19.23 7.45
N TYR A 577 -14.18 -18.14 8.10
CA TYR A 577 -14.79 -17.71 9.37
C TYR A 577 -15.65 -16.45 9.25
N TYR A 578 -16.19 -16.22 8.05
CA TYR A 578 -17.13 -15.13 7.81
C TYR A 578 -18.27 -15.19 8.82
N ASP A 579 -18.56 -14.08 9.49
CA ASP A 579 -19.67 -14.04 10.43
C ASP A 579 -19.95 -12.58 10.73
N LEU A 580 -21.08 -12.09 10.23
CA LEU A 580 -21.42 -10.68 10.43
C LEU A 580 -21.67 -10.35 11.90
N ARG A 581 -21.99 -11.35 12.70
CA ARG A 581 -22.11 -11.14 14.14
C ARG A 581 -20.76 -10.70 14.74
N ASN A 582 -19.67 -11.32 14.29
CA ASN A 582 -18.35 -10.95 14.79
C ASN A 582 -17.83 -9.65 14.14
N ALA A 583 -18.03 -9.49 12.83
CA ALA A 583 -17.57 -8.27 12.15
C ALA A 583 -18.29 -7.05 12.74
N THR A 584 -19.60 -7.17 12.95
CA THR A 584 -20.39 -6.09 13.54
C THR A 584 -20.11 -5.89 15.04
N ALA A 585 -19.73 -6.97 15.74
CA ALA A 585 -19.31 -6.84 17.14
C ALA A 585 -18.11 -5.91 17.25
N ILE A 586 -17.17 -6.04 16.33
CA ILE A 586 -15.98 -5.17 16.29
C ILE A 586 -16.36 -3.72 16.00
N THR A 587 -17.10 -3.52 14.91
CA THR A 587 -17.38 -2.14 14.43
C THR A 587 -18.28 -1.39 15.40
N THR A 588 -19.27 -2.09 15.96
CA THR A 588 -20.22 -1.46 16.89
C THR A 588 -19.54 -1.11 18.23
N PHE A 589 -18.64 -1.97 18.72
CA PHE A 589 -17.84 -1.69 19.91
C PHE A 589 -16.97 -0.47 19.67
N GLY A 590 -16.42 -0.37 18.47
CA GLY A 590 -15.62 0.80 18.09
C GLY A 590 -16.39 2.10 18.12
N GLN A 591 -17.61 2.09 17.59
CA GLN A 591 -18.47 3.27 17.67
C GLN A 591 -18.71 3.70 19.11
N MET A 592 -18.93 2.72 19.98
CA MET A 592 -19.18 2.99 21.40
C MET A 592 -17.94 3.57 22.05
N ALA A 593 -16.80 2.95 21.82
CA ALA A 593 -15.53 3.35 22.44
C ALA A 593 -15.21 4.80 22.13
N LEU A 594 -15.36 5.19 20.88
CA LEU A 594 -15.07 6.56 20.46
C LEU A 594 -15.97 7.57 21.18
N GLN A 595 -17.28 7.30 21.18
CA GLN A 595 -18.26 8.23 21.73
C GLN A 595 -18.27 8.20 23.26
N TRP A 596 -17.95 7.04 23.82
CA TRP A 596 -17.75 6.89 25.26
C TRP A 596 -16.60 7.79 25.68
N ILE A 597 -15.48 7.69 24.98
CA ILE A 597 -14.30 8.42 25.41
C ILE A 597 -14.40 9.91 25.08
N GLU A 598 -15.15 10.28 24.06
CA GLU A 598 -15.48 11.69 23.82
C GLU A 598 -16.17 12.28 25.04
N ARG A 599 -17.18 11.57 25.54
CA ARG A 599 -17.90 11.99 26.75
C ARG A 599 -16.98 12.08 27.97
N LYS A 600 -16.10 11.10 28.14
CA LYS A 600 -15.18 11.13 29.30
C LYS A 600 -14.16 12.27 29.21
N VAL A 601 -13.66 12.54 28.01
CA VAL A 601 -12.67 13.59 27.84
C VAL A 601 -13.29 14.98 28.04
N ASN A 602 -14.48 15.19 27.48
CA ASN A 602 -15.23 16.42 27.73
C ASN A 602 -15.52 16.61 29.21
N GLU A 603 -15.93 15.54 29.89
CA GLU A 603 -16.22 15.59 31.33
C GLU A 603 -14.96 15.96 32.10
N TYR A 604 -13.84 15.31 31.79
CA TYR A 604 -12.59 15.60 32.46
C TYR A 604 -12.18 17.08 32.27
N LEU A 605 -12.21 17.55 31.02
CA LEU A 605 -11.72 18.90 30.74
C LEU A 605 -12.64 20.00 31.28
N ASN A 606 -13.95 19.82 31.21
CA ASN A 606 -14.88 20.75 31.83
C ASN A 606 -14.61 20.89 33.33
N GLU A 607 -14.22 19.78 33.97
CA GLU A 607 -13.85 19.78 35.39
C GLU A 607 -12.57 20.59 35.62
N VAL A 608 -11.50 20.32 34.87
CA VAL A 608 -10.25 21.06 35.10
C VAL A 608 -10.40 22.56 34.78
N CYS A 609 -11.27 22.88 33.82
CA CYS A 609 -11.53 24.27 33.44
C CYS A 609 -12.65 24.93 34.26
N GLY A 610 -13.36 24.13 35.06
CA GLY A 610 -14.45 24.64 35.88
C GLY A 610 -15.65 25.13 35.08
N THR A 611 -15.98 24.41 34.00
CA THR A 611 -17.14 24.76 33.17
C THR A 611 -18.10 23.59 33.07
N GLU A 612 -19.21 23.78 32.35
CA GLU A 612 -20.21 22.73 32.15
C GLU A 612 -20.72 22.79 30.71
N GLY A 613 -20.86 21.63 30.09
CA GLY A 613 -21.45 21.52 28.75
C GLY A 613 -20.58 21.95 27.59
N GLU A 614 -19.36 22.40 27.87
CA GLU A 614 -18.44 22.81 26.79
C GLU A 614 -17.86 21.63 26.02
N ALA A 615 -17.77 21.77 24.70
CA ALA A 615 -17.22 20.73 23.83
C ALA A 615 -15.73 20.94 23.57
N PHE A 616 -14.89 20.11 24.19
CA PHE A 616 -13.44 20.12 23.93
C PHE A 616 -13.05 19.21 22.76
N VAL A 617 -13.74 18.08 22.62
CA VAL A 617 -13.51 17.20 21.47
C VAL A 617 -14.25 17.80 20.28
N LEU A 618 -13.50 18.20 19.25
CA LEU A 618 -14.07 18.90 18.09
C LEU A 618 -14.31 17.93 16.93
N TYR A 619 -13.65 16.79 16.98
CA TYR A 619 -13.70 15.81 15.91
C TYR A 619 -13.20 14.47 16.37
N GLY A 620 -13.62 13.46 15.66
CA GLY A 620 -13.14 12.11 15.85
C GLY A 620 -13.61 11.24 14.72
N ASP A 621 -12.79 10.25 14.37
CA ASP A 621 -13.07 9.36 13.25
C ASP A 621 -12.61 7.96 13.63
N THR A 622 -13.57 7.06 13.81
CA THR A 622 -13.33 5.63 14.11
C THR A 622 -12.79 5.35 15.52
N ASP A 623 -11.58 5.81 15.79
CA ASP A 623 -10.86 5.52 17.03
C ASP A 623 -10.02 6.67 17.54
N SER A 624 -10.28 7.88 17.03
CA SER A 624 -9.43 9.05 17.28
C SER A 624 -10.27 10.19 17.81
N ILE A 625 -9.66 11.04 18.64
CA ILE A 625 -10.28 12.30 19.02
C ILE A 625 -9.30 13.45 18.83
N TYR A 626 -9.84 14.59 18.43
CA TYR A 626 -9.09 15.84 18.32
C TYR A 626 -9.65 16.82 19.35
N VAL A 627 -8.77 17.24 20.26
CA VAL A 627 -9.14 18.01 21.42
C VAL A 627 -8.60 19.43 21.31
N SER A 628 -9.48 20.40 21.46
CA SER A 628 -9.09 21.81 21.48
C SER A 628 -8.32 22.09 22.78
N ALA A 629 -7.11 22.62 22.64
CA ALA A 629 -6.23 22.91 23.77
C ALA A 629 -6.09 24.42 24.06
N ASP A 630 -6.90 25.25 23.42
CA ASP A 630 -6.85 26.71 23.58
C ASP A 630 -6.95 27.12 25.04
N LYS A 631 -7.91 26.54 25.76
CA LYS A 631 -8.14 26.92 27.14
C LYS A 631 -7.00 26.49 28.06
N ILE A 632 -6.33 25.40 27.71
CA ILE A 632 -5.19 24.89 28.46
C ILE A 632 -4.01 25.85 28.33
N ILE A 633 -3.72 26.26 27.10
CA ILE A 633 -2.69 27.25 26.83
C ILE A 633 -3.02 28.58 27.49
N ASP A 634 -4.28 29.02 27.38
CA ASP A 634 -4.70 30.28 27.96
C ASP A 634 -4.70 30.29 29.48
N LYS A 635 -4.78 29.13 30.13
CA LYS A 635 -4.72 29.08 31.60
C LYS A 635 -3.32 29.42 32.11
N VAL A 636 -2.31 29.12 31.32
CA VAL A 636 -0.95 29.52 31.65
C VAL A 636 -0.67 30.91 31.09
N GLY A 637 -1.20 31.19 29.90
CA GLY A 637 -1.03 32.49 29.23
C GLY A 637 0.11 32.43 28.24
N GLU A 638 -0.13 32.84 27.00
CA GLU A 638 0.90 32.77 25.94
C GLU A 638 2.17 33.55 26.28
N SER A 639 2.05 34.63 27.05
CA SER A 639 3.17 35.47 27.45
C SER A 639 4.23 34.73 28.25
N LYS A 640 3.82 33.69 28.97
CA LYS A 640 4.72 32.94 29.84
C LYS A 640 5.63 31.95 29.12
N PHE A 641 5.43 31.75 27.81
CA PHE A 641 6.27 30.81 27.06
C PHE A 641 7.45 31.49 26.36
N ARG A 642 8.62 30.88 26.50
CA ARG A 642 9.85 31.38 25.89
C ARG A 642 9.84 31.26 24.37
N ASP A 643 9.26 30.17 23.86
CA ASP A 643 9.26 29.88 22.44
C ASP A 643 8.24 28.78 22.13
N THR A 644 8.08 28.45 20.85
CA THR A 644 7.13 27.44 20.43
C THR A 644 7.36 26.12 21.17
N ASN A 645 8.61 25.69 21.18
CA ASN A 645 8.98 24.42 21.79
C ASN A 645 8.62 24.34 23.27
N HIS A 646 8.59 25.48 23.96
CA HIS A 646 8.18 25.51 25.35
C HIS A 646 6.70 25.11 25.54
N TRP A 647 5.78 25.67 24.75
CA TRP A 647 4.36 25.27 24.91
C TRP A 647 4.10 23.87 24.38
N VAL A 648 4.90 23.44 23.39
CA VAL A 648 4.81 22.06 22.89
C VAL A 648 5.21 21.09 24.00
N ASP A 649 6.30 21.37 24.70
CA ASP A 649 6.68 20.58 25.90
C ASP A 649 5.55 20.53 26.92
N PHE A 650 4.96 21.68 27.18
CA PHE A 650 3.90 21.81 28.18
C PHE A 650 2.67 20.97 27.83
N LEU A 651 2.27 21.04 26.56
CA LEU A 651 1.13 20.24 26.10
C LEU A 651 1.46 18.76 26.06
N ASP A 652 2.69 18.41 25.69
CA ASP A 652 3.14 17.02 25.72
C ASP A 652 3.03 16.44 27.12
N LYS A 653 3.51 17.21 28.10
CA LYS A 653 3.44 16.80 29.49
C LYS A 653 2.00 16.71 29.97
N PHE A 654 1.16 17.65 29.54
CA PHE A 654 -0.24 17.65 29.96
C PHE A 654 -0.94 16.40 29.42
N ALA A 655 -0.66 16.08 28.16
CA ALA A 655 -1.27 14.91 27.53
C ALA A 655 -0.84 13.64 28.25
N ARG A 656 0.45 13.54 28.54
CA ARG A 656 1.01 12.33 29.15
C ARG A 656 0.59 12.17 30.62
N GLU A 657 0.57 13.27 31.37
CA GLU A 657 0.40 13.19 32.83
C GLU A 657 -1.02 13.41 33.32
N ARG A 658 -1.87 13.99 32.48
CA ARG A 658 -3.25 14.28 32.88
C ARG A 658 -4.27 13.62 31.97
N MET A 659 -4.16 13.85 30.68
CA MET A 659 -5.16 13.37 29.73
C MET A 659 -5.16 11.85 29.60
N GLU A 660 -3.98 11.28 29.41
CA GLU A 660 -3.87 9.84 29.19
C GLU A 660 -4.34 9.03 30.41
N PRO A 661 -3.95 9.41 31.64
CA PRO A 661 -4.52 8.76 32.82
C PRO A 661 -6.06 8.87 32.90
N ALA A 662 -6.61 10.04 32.57
CA ALA A 662 -8.06 10.21 32.53
C ALA A 662 -8.67 9.29 31.47
N ILE A 663 -8.03 9.24 30.32
CA ILE A 663 -8.53 8.41 29.21
C ILE A 663 -8.51 6.94 29.63
N ASP A 664 -7.42 6.51 30.26
CA ASP A 664 -7.25 5.13 30.66
C ASP A 664 -8.30 4.75 31.72
N ARG A 665 -8.56 5.63 32.67
CA ARG A 665 -9.58 5.38 33.68
C ARG A 665 -10.95 5.22 33.02
N GLY A 666 -11.22 6.10 32.07
CA GLY A 666 -12.45 6.06 31.30
C GLY A 666 -12.63 4.74 30.56
N PHE A 667 -11.58 4.25 29.92
CA PHE A 667 -11.67 2.98 29.21
C PHE A 667 -11.70 1.77 30.14
N ARG A 668 -11.00 1.83 31.28
CA ARG A 668 -11.09 0.74 32.25
C ARG A 668 -12.54 0.56 32.72
N GLU A 669 -13.25 1.66 32.89
CA GLU A 669 -14.65 1.58 33.30
C GLU A 669 -15.50 0.94 32.20
N MET A 670 -15.24 1.33 30.95
CA MET A 670 -15.97 0.75 29.82
C MET A 670 -15.73 -0.76 29.70
N CYS A 671 -14.48 -1.19 29.92
CA CYS A 671 -14.12 -2.61 29.92
C CYS A 671 -14.95 -3.39 30.94
N GLU A 672 -15.08 -2.83 32.12
CA GLU A 672 -15.83 -3.45 33.20
C GLU A 672 -17.34 -3.47 32.91
N TYR A 673 -17.86 -2.38 32.34
CA TYR A 673 -19.26 -2.29 31.90
C TYR A 673 -19.62 -3.40 30.90
N MET A 674 -18.77 -3.59 29.90
CA MET A 674 -18.92 -4.66 28.92
C MET A 674 -18.39 -6.01 29.39
N ASN A 675 -17.84 -6.07 30.59
CA ASN A 675 -17.28 -7.28 31.18
C ASN A 675 -16.24 -7.95 30.31
N ASN A 676 -15.38 -7.16 29.68
CA ASN A 676 -14.48 -7.71 28.67
C ASN A 676 -13.36 -8.52 29.31
N LYS A 677 -12.68 -9.31 28.48
CA LYS A 677 -11.68 -10.24 28.96
C LYS A 677 -10.42 -9.52 29.43
N GLN A 678 -10.05 -8.46 28.72
CA GLN A 678 -8.80 -7.72 29.02
C GLN A 678 -8.88 -6.29 28.50
N HIS A 679 -8.44 -5.34 29.31
CA HIS A 679 -8.44 -3.94 28.94
C HIS A 679 -7.30 -3.68 28.00
N LEU A 680 -7.63 -3.36 26.75
CA LEU A 680 -6.60 -3.13 25.73
C LEU A 680 -6.85 -1.89 24.89
N MET A 681 -7.73 -1.01 25.37
CA MET A 681 -8.02 0.24 24.69
C MET A 681 -6.96 1.24 25.15
N PHE A 682 -5.91 1.41 24.33
CA PHE A 682 -4.80 2.32 24.66
C PHE A 682 -4.79 3.48 23.68
N MET A 683 -5.21 4.65 24.16
CA MET A 683 -5.40 5.79 23.31
C MET A 683 -4.30 6.80 23.59
N ASP A 684 -3.20 6.68 22.85
CA ASP A 684 -2.04 7.53 23.04
C ASP A 684 -2.12 8.80 22.21
N ARG A 685 -1.45 9.85 22.70
CA ARG A 685 -1.41 11.12 22.03
C ARG A 685 -0.70 10.94 20.68
N GLU A 686 -1.33 11.43 19.61
CA GLU A 686 -0.75 11.43 18.28
C GLU A 686 -0.03 12.76 18.05
N ALA A 687 -0.80 13.84 17.83
CA ALA A 687 -0.23 15.11 17.39
C ALA A 687 -0.42 16.25 18.39
N ILE A 688 0.59 17.12 18.45
CA ILE A 688 0.50 18.42 19.11
C ILE A 688 0.63 19.49 18.03
N ALA A 689 -0.40 20.31 17.89
CA ALA A 689 -0.50 21.25 16.79
C ALA A 689 -0.89 22.65 17.24
N GLY A 690 -0.33 23.64 16.56
CA GLY A 690 -0.62 25.03 16.82
C GLY A 690 0.23 25.94 15.96
N PRO A 691 -0.06 27.24 15.97
CA PRO A 691 0.74 28.20 15.22
C PRO A 691 2.09 28.47 15.90
N PRO A 692 3.10 28.92 15.13
CA PRO A 692 4.36 29.34 15.75
C PRO A 692 4.13 30.44 16.77
N LEU A 693 4.76 30.33 17.94
CA LEU A 693 4.56 31.31 19.02
C LEU A 693 4.78 32.72 18.47
N GLY A 694 3.82 33.61 18.72
CA GLY A 694 3.92 35.01 18.30
C GLY A 694 3.54 35.31 16.87
N SER A 695 3.18 34.30 16.08
CA SER A 695 2.79 34.49 14.68
C SER A 695 1.30 34.80 14.59
N LYS A 696 0.82 35.08 13.38
CA LYS A 696 -0.61 35.20 13.12
C LYS A 696 -1.16 33.97 12.38
N GLY A 697 -0.44 32.86 12.45
CA GLY A 697 -0.92 31.60 11.85
C GLY A 697 -2.14 31.14 12.63
N ILE A 698 -3.03 30.41 11.96
CA ILE A 698 -4.26 29.96 12.61
C ILE A 698 -4.11 28.57 13.24
N GLY A 699 -3.02 27.87 12.94
CA GLY A 699 -2.73 26.57 13.55
C GLY A 699 -3.37 25.39 12.82
N GLY A 700 -4.67 25.44 12.62
CA GLY A 700 -5.40 24.35 11.97
C GLY A 700 -6.77 24.79 11.50
N PHE A 701 -7.40 23.96 10.66
CA PHE A 701 -8.80 24.13 10.31
C PHE A 701 -9.44 22.81 9.86
N TRP A 702 -10.76 22.71 10.05
CA TRP A 702 -11.60 21.64 9.50
C TRP A 702 -12.61 22.27 8.57
N THR A 703 -12.87 21.65 7.42
CA THR A 703 -13.96 22.07 6.53
C THR A 703 -15.18 21.15 6.68
N GLY A 704 -14.95 19.95 7.19
CA GLY A 704 -16.01 18.94 7.32
C GLY A 704 -15.40 17.61 7.69
N LYS A 705 -16.20 16.55 7.69
CA LYS A 705 -15.68 15.21 7.94
C LYS A 705 -14.57 14.88 6.94
N LYS A 706 -13.51 14.28 7.46
CA LYS A 706 -12.39 13.75 6.67
C LYS A 706 -11.64 14.84 5.87
N ARG A 707 -11.72 16.09 6.33
CA ARG A 707 -11.07 17.22 5.66
C ARG A 707 -10.56 18.26 6.66
N TYR A 708 -9.25 18.24 6.92
CA TYR A 708 -8.63 19.13 7.90
C TYR A 708 -7.14 19.29 7.64
N ALA A 709 -6.56 20.30 8.25
CA ALA A 709 -5.13 20.57 8.15
C ALA A 709 -4.66 21.04 9.50
N LEU A 710 -3.47 20.59 9.90
CA LEU A 710 -2.88 20.93 11.19
C LEU A 710 -1.39 21.22 11.04
N ASN A 711 -0.92 22.23 11.76
CA ASN A 711 0.51 22.50 11.86
C ASN A 711 1.10 21.76 13.07
N VAL A 712 1.78 20.65 12.82
CA VAL A 712 2.19 19.72 13.86
C VAL A 712 3.67 19.88 14.21
N TRP A 713 3.94 19.95 15.51
CA TRP A 713 5.29 20.09 16.06
C TRP A 713 5.84 18.80 16.63
N ASP A 714 4.95 17.88 17.00
CA ASP A 714 5.33 16.61 17.57
C ASP A 714 4.30 15.57 17.18
N MET A 715 4.79 14.45 16.63
CA MET A 715 3.94 13.36 16.15
C MET A 715 4.44 12.05 16.78
N GLU A 716 3.62 11.47 17.65
CA GLU A 716 3.92 10.22 18.34
C GLU A 716 5.29 10.20 18.98
N GLY A 717 5.69 11.34 19.52
CA GLY A 717 6.97 11.45 20.22
C GLY A 717 8.13 11.92 19.38
N THR A 718 7.92 12.14 18.09
CA THR A 718 8.95 12.73 17.24
C THR A 718 8.82 14.24 17.27
N ARG A 719 9.83 14.92 17.82
CA ARG A 719 9.85 16.37 17.86
C ARG A 719 10.58 16.84 16.62
N TYR A 720 9.85 17.54 15.76
CA TYR A 720 10.38 17.90 14.44
C TYR A 720 11.34 19.07 14.54
N ALA A 721 12.38 19.03 13.71
CA ALA A 721 13.26 20.17 13.57
C ALA A 721 12.47 21.34 12.99
N GLU A 722 11.62 21.06 11.99
CA GLU A 722 10.70 22.05 11.43
C GLU A 722 9.26 21.54 11.51
N PRO A 723 8.28 22.43 11.73
CA PRO A 723 6.89 21.98 11.81
C PRO A 723 6.46 21.28 10.52
N LYS A 724 5.60 20.28 10.64
CA LYS A 724 5.14 19.51 9.49
C LYS A 724 3.63 19.64 9.40
N LEU A 725 3.11 19.82 8.19
CA LEU A 725 1.65 19.84 8.00
C LEU A 725 1.07 18.44 7.98
N LYS A 726 0.04 18.19 8.80
CA LYS A 726 -0.79 17.00 8.64
C LYS A 726 -2.07 17.45 7.95
N ILE A 727 -2.23 17.02 6.71
CA ILE A 727 -3.38 17.39 5.91
C ILE A 727 -4.08 16.10 5.51
N MET A 728 -5.36 16.01 5.82
CA MET A 728 -6.15 14.86 5.45
C MET A 728 -7.33 15.30 4.59
N GLY A 729 -7.56 14.58 3.49
CA GLY A 729 -8.75 14.74 2.66
C GLY A 729 -8.74 15.90 1.67
N LEU A 730 -8.01 16.96 1.99
CA LEU A 730 -7.98 18.13 1.15
C LEU A 730 -7.29 17.81 -0.16
N GLU A 731 -7.49 18.70 -1.12
CA GLU A 731 -7.09 18.47 -2.51
C GLU A 731 -5.60 18.25 -2.68
N THR A 732 -4.80 18.78 -1.73
CA THR A 732 -3.37 18.53 -1.72
C THR A 732 -3.02 17.06 -1.62
N GLN A 733 -3.94 16.24 -1.10
CA GLN A 733 -3.68 14.83 -0.87
C GLN A 733 -4.30 13.91 -1.92
N LYS A 734 -4.91 14.45 -2.97
CA LYS A 734 -5.62 13.63 -3.95
C LYS A 734 -4.82 13.52 -5.22
N SER A 735 -4.68 12.31 -5.74
CA SER A 735 -3.93 12.08 -6.98
C SER A 735 -4.59 12.72 -8.21
N SER A 736 -5.89 13.03 -8.09
CA SER A 736 -6.65 13.67 -9.15
C SER A 736 -6.35 15.15 -9.32
N THR A 737 -5.82 15.77 -8.27
CA THR A 737 -5.50 17.19 -8.30
C THR A 737 -4.18 17.41 -9.05
N PRO A 738 -4.12 18.42 -9.94
CA PRO A 738 -2.88 18.66 -10.69
C PRO A 738 -1.64 18.86 -9.82
N LYS A 739 -0.49 18.35 -10.27
CA LYS A 739 0.73 18.37 -9.46
C LYS A 739 1.08 19.76 -8.95
N ALA A 740 1.02 20.76 -9.84
CA ALA A 740 1.43 22.11 -9.48
C ALA A 740 0.39 22.76 -8.58
N VAL A 741 -0.86 22.33 -8.73
CA VAL A 741 -1.95 22.81 -7.90
C VAL A 741 -1.87 22.24 -6.47
N GLN A 742 -1.52 20.96 -6.35
CA GLN A 742 -1.27 20.39 -5.01
C GLN A 742 -0.25 21.26 -4.28
N LYS A 743 0.83 21.59 -4.99
CA LYS A 743 1.96 22.35 -4.45
C LYS A 743 1.51 23.73 -4.00
N ALA A 744 0.78 24.43 -4.86
CA ALA A 744 0.30 25.77 -4.54
C ALA A 744 -0.72 25.75 -3.41
N LEU A 745 -1.66 24.81 -3.48
CA LEU A 745 -2.64 24.69 -2.39
C LEU A 745 -1.96 24.37 -1.06
N LYS A 746 -0.93 23.54 -1.09
CA LYS A 746 -0.19 23.23 0.14
C LYS A 746 0.50 24.46 0.71
N GLU A 747 1.09 25.28 -0.16
CA GLU A 747 1.73 26.50 0.31
C GLU A 747 0.72 27.52 0.85
N CYS A 748 -0.47 27.60 0.24
CA CYS A 748 -1.55 28.42 0.79
C CYS A 748 -1.92 27.96 2.20
N ILE A 749 -2.02 26.65 2.38
CA ILE A 749 -2.31 26.09 3.69
C ILE A 749 -1.17 26.35 4.68
N ARG A 750 0.08 26.16 4.26
CA ARG A 750 1.20 26.45 5.16
C ARG A 750 1.11 27.89 5.63
N ARG A 751 0.88 28.80 4.70
CA ARG A 751 0.79 30.21 5.03
C ARG A 751 -0.38 30.51 5.99
N MET A 752 -1.55 29.91 5.73
CA MET A 752 -2.70 30.08 6.63
C MET A 752 -2.36 29.63 8.04
N LEU A 753 -1.82 28.42 8.17
CA LEU A 753 -1.55 27.82 9.47
C LEU A 753 -0.36 28.42 10.21
N GLN A 754 0.66 28.89 9.48
CA GLN A 754 1.91 29.36 10.12
C GLN A 754 2.11 30.87 10.13
N GLU A 755 1.51 31.57 9.19
CA GLU A 755 1.84 32.97 8.95
C GLU A 755 0.61 33.88 8.98
N GLY A 756 -0.51 33.43 8.44
CA GLY A 756 -1.76 34.16 8.60
C GLY A 756 -2.35 34.65 7.30
N GLU A 757 -3.40 35.44 7.43
CA GLU A 757 -4.21 35.87 6.30
C GLU A 757 -3.44 36.73 5.29
N GLU A 758 -2.63 37.65 5.77
CA GLU A 758 -1.93 38.56 4.87
C GLU A 758 -0.97 37.78 3.99
N SER A 759 -0.23 36.84 4.58
CA SER A 759 0.69 36.00 3.84
C SER A 759 -0.02 35.18 2.78
N LEU A 760 -1.16 34.61 3.16
CA LEU A 760 -2.00 33.85 2.22
C LEU A 760 -2.37 34.72 1.02
N GLN A 761 -2.79 35.96 1.29
CA GLN A 761 -3.23 36.88 0.22
C GLN A 761 -2.09 37.23 -0.74
N GLU A 762 -0.88 37.44 -0.23
CA GLU A 762 0.27 37.71 -1.09
C GLU A 762 0.56 36.55 -2.05
N TYR A 763 0.50 35.33 -1.52
CA TYR A 763 0.81 34.16 -2.32
C TYR A 763 -0.26 33.88 -3.37
N PHE A 764 -1.53 34.04 -3.00
CA PHE A 764 -2.62 33.83 -3.93
C PHE A 764 -2.46 34.74 -5.14
N LYS A 765 -2.28 36.03 -4.88
CA LYS A 765 -2.17 37.04 -5.92
C LYS A 765 -1.08 36.66 -6.92
N GLU A 766 0.05 36.17 -6.42
CA GLU A 766 1.16 35.80 -7.29
C GLU A 766 0.88 34.53 -8.10
N PHE A 767 0.31 33.52 -7.45
CA PHE A 767 -0.01 32.28 -8.17
C PHE A 767 -0.99 32.53 -9.32
N GLU A 768 -2.04 33.30 -9.04
CA GLU A 768 -3.06 33.66 -10.04
C GLU A 768 -2.46 34.38 -11.24
N LYS A 769 -1.46 35.20 -10.97
CA LYS A 769 -0.79 35.98 -12.00
C LYS A 769 0.10 35.11 -12.88
N GLU A 770 0.78 34.11 -12.31
CA GLU A 770 1.85 33.38 -13.02
C GLU A 770 1.47 31.98 -13.54
N PHE A 771 0.35 31.43 -13.10
CA PHE A 771 0.11 30.00 -13.33
C PHE A 771 0.02 29.57 -14.81
N ARG A 772 -0.33 30.49 -15.71
CA ARG A 772 -0.38 30.17 -17.15
C ARG A 772 0.97 29.74 -17.73
N GLN A 773 2.05 30.03 -17.03
CA GLN A 773 3.38 29.63 -17.45
C GLN A 773 3.67 28.18 -17.08
N LEU A 774 2.88 27.60 -16.18
CA LEU A 774 3.15 26.24 -15.73
C LEU A 774 2.99 25.23 -16.86
N ASN A 775 3.85 24.21 -16.82
CA ASN A 775 3.83 23.15 -17.82
C ASN A 775 2.47 22.44 -17.81
N TYR A 776 1.95 22.18 -19.01
CA TYR A 776 0.59 21.63 -19.17
C TYR A 776 0.35 20.34 -18.38
N ILE A 777 1.37 19.48 -18.27
CA ILE A 777 1.24 18.23 -17.51
C ILE A 777 1.05 18.53 -16.03
N SER A 778 1.73 19.55 -15.52
CA SER A 778 1.65 19.93 -14.11
C SER A 778 0.30 20.52 -13.70
N ILE A 779 -0.49 20.96 -14.67
CA ILE A 779 -1.81 21.55 -14.40
C ILE A 779 -2.96 20.69 -14.93
N ALA A 780 -2.63 19.49 -15.43
CA ALA A 780 -3.63 18.52 -15.83
C ALA A 780 -4.20 17.78 -14.62
N SER A 781 -5.51 17.60 -14.63
CA SER A 781 -6.16 16.74 -13.67
C SER A 781 -5.89 15.28 -14.05
N VAL A 782 -6.17 14.38 -13.13
CA VAL A 782 -5.93 12.95 -13.34
C VAL A 782 -7.16 12.16 -12.91
N SER A 783 -7.47 11.10 -13.64
CA SER A 783 -8.54 10.18 -13.25
C SER A 783 -8.31 8.79 -13.80
N SER A 784 -8.72 7.78 -13.04
CA SER A 784 -8.87 6.43 -13.56
C SER A 784 -9.99 6.48 -14.59
N ALA A 785 -9.88 5.66 -15.63
CA ALA A 785 -10.85 5.65 -16.71
C ALA A 785 -11.42 4.25 -16.94
N ASN A 786 -12.59 3.99 -16.34
CA ASN A 786 -13.30 2.73 -16.53
C ASN A 786 -14.50 2.88 -17.47
N ASN A 787 -14.90 1.79 -18.13
CA ASN A 787 -16.12 1.77 -18.94
C ASN A 787 -16.11 2.70 -20.14
N ILE A 788 -14.96 2.83 -20.79
CA ILE A 788 -14.84 3.76 -21.90
C ILE A 788 -15.82 3.37 -23.02
N ALA A 789 -15.96 2.06 -23.27
CA ALA A 789 -16.83 1.56 -24.34
C ALA A 789 -18.31 1.85 -24.08
N LYS A 790 -18.74 1.72 -22.82
CA LYS A 790 -20.14 1.93 -22.44
C LYS A 790 -20.67 3.32 -22.83
N TYR A 791 -19.79 4.32 -22.74
CA TYR A 791 -20.18 5.71 -23.01
C TYR A 791 -19.81 6.18 -24.42
N ASP A 792 -19.26 5.27 -25.22
CA ASP A 792 -18.83 5.56 -26.59
C ASP A 792 -19.96 5.23 -27.56
N VAL A 793 -20.62 6.26 -28.08
CA VAL A 793 -21.67 6.12 -29.08
C VAL A 793 -21.17 6.69 -30.41
N GLY A 794 -20.66 5.82 -31.27
CA GLY A 794 -20.10 6.23 -32.57
C GLY A 794 -19.00 7.27 -32.43
N GLY A 795 -18.17 7.14 -31.39
CA GLY A 795 -17.07 8.05 -31.15
C GLY A 795 -17.43 9.31 -30.38
N PHE A 796 -18.69 9.43 -29.96
CA PHE A 796 -19.17 10.59 -29.23
C PHE A 796 -19.80 10.18 -27.90
N PRO A 797 -19.86 11.12 -26.94
CA PRO A 797 -20.35 10.79 -25.59
C PRO A 797 -21.82 10.38 -25.54
N GLY A 798 -22.10 9.25 -24.92
CA GLY A 798 -23.46 8.83 -24.67
C GLY A 798 -24.05 9.52 -23.44
N PRO A 799 -25.29 9.14 -23.07
CA PRO A 799 -25.95 9.69 -21.88
C PRO A 799 -25.12 9.51 -20.60
N LYS A 800 -25.10 10.54 -19.76
CA LYS A 800 -24.39 10.48 -18.47
C LYS A 800 -22.89 10.24 -18.59
N CYS A 801 -22.31 10.61 -19.74
CA CYS A 801 -20.88 10.36 -19.96
C CYS A 801 -20.04 11.15 -18.97
N PRO A 802 -19.19 10.46 -18.18
CA PRO A 802 -18.33 11.22 -17.26
C PRO A 802 -17.35 12.15 -17.99
N PHE A 803 -16.95 13.21 -17.32
CA PHE A 803 -16.12 14.27 -17.91
C PHE A 803 -14.81 13.72 -18.44
N HIS A 804 -14.15 12.87 -17.66
CA HIS A 804 -12.88 12.30 -18.08
C HIS A 804 -13.03 11.34 -19.27
N ILE A 805 -14.16 10.63 -19.32
CA ILE A 805 -14.43 9.72 -20.43
C ILE A 805 -14.67 10.51 -21.71
N ARG A 806 -15.39 11.61 -21.58
CA ARG A 806 -15.57 12.55 -22.68
C ARG A 806 -14.22 13.00 -23.24
N GLY A 807 -13.29 13.34 -22.35
CA GLY A 807 -11.94 13.71 -22.76
C GLY A 807 -11.26 12.64 -23.58
N ILE A 808 -11.41 11.39 -23.17
CA ILE A 808 -10.82 10.25 -23.88
C ILE A 808 -11.44 10.07 -25.28
N LEU A 809 -12.76 10.23 -25.38
CA LEU A 809 -13.45 10.12 -26.66
C LEU A 809 -12.98 11.23 -27.59
N THR A 810 -12.82 12.44 -27.05
CA THR A 810 -12.25 13.54 -27.81
C THR A 810 -10.87 13.16 -28.37
N TYR A 811 -9.99 12.67 -27.49
CA TYR A 811 -8.67 12.21 -27.88
C TYR A 811 -8.74 11.16 -28.98
N ASN A 812 -9.58 10.15 -28.82
CA ASN A 812 -9.69 9.06 -29.80
C ASN A 812 -10.09 9.56 -31.19
N ARG A 813 -11.00 10.53 -31.25
CA ARG A 813 -11.36 11.14 -32.53
C ARG A 813 -10.18 11.88 -33.14
N ALA A 814 -9.40 12.57 -32.30
CA ALA A 814 -8.28 13.37 -32.78
C ALA A 814 -7.08 12.53 -33.27
N ILE A 815 -6.93 11.31 -32.78
CA ILE A 815 -5.84 10.43 -33.24
C ILE A 815 -6.33 9.29 -34.14
N LYS A 816 -7.58 9.39 -34.62
CA LYS A 816 -8.19 8.29 -35.37
C LYS A 816 -7.38 7.95 -36.62
N GLY A 817 -7.29 6.65 -36.91
CA GLY A 817 -6.52 6.17 -38.05
C GLY A 817 -5.01 6.16 -37.84
N ASN A 818 -4.59 6.25 -36.58
CA ASN A 818 -3.17 6.13 -36.20
C ASN A 818 -2.93 4.88 -35.37
N ILE A 819 -2.33 3.87 -35.98
CA ILE A 819 -1.96 2.63 -35.26
C ILE A 819 -0.82 2.85 -34.25
N ASP A 820 0.00 3.88 -34.49
CA ASP A 820 1.17 4.16 -33.66
C ASP A 820 0.92 5.16 -32.51
N ALA A 821 -0.19 5.89 -32.58
CA ALA A 821 -0.54 6.86 -31.54
C ALA A 821 -0.81 6.09 -30.25
N PRO A 822 -0.34 6.62 -29.11
CA PRO A 822 -0.62 5.94 -27.84
C PRO A 822 -2.12 5.79 -27.59
N GLN A 823 -2.57 4.58 -27.29
CA GLN A 823 -3.96 4.36 -26.96
C GLN A 823 -4.16 4.47 -25.45
N VAL A 824 -5.32 5.01 -25.07
CA VAL A 824 -5.75 4.99 -23.68
C VAL A 824 -6.17 3.57 -23.33
N VAL A 825 -5.68 3.06 -22.21
CA VAL A 825 -5.95 1.69 -21.79
C VAL A 825 -7.08 1.68 -20.77
N GLU A 826 -8.15 0.95 -21.09
CA GLU A 826 -9.25 0.71 -20.14
C GLU A 826 -8.72 0.37 -18.74
N GLY A 827 -9.20 1.08 -17.73
CA GLY A 827 -8.85 0.80 -16.33
C GLY A 827 -7.61 1.50 -15.81
N GLU A 828 -6.86 2.15 -16.70
CA GLU A 828 -5.66 2.89 -16.31
C GLU A 828 -5.98 4.39 -16.18
N LYS A 829 -4.97 5.19 -15.89
CA LYS A 829 -5.20 6.62 -15.62
C LYS A 829 -4.88 7.53 -16.79
N VAL A 830 -5.63 8.63 -16.86
CA VAL A 830 -5.40 9.65 -17.87
C VAL A 830 -5.21 11.02 -17.24
N TYR A 831 -4.40 11.85 -17.91
CA TYR A 831 -4.42 13.29 -17.69
C TYR A 831 -5.62 13.88 -18.42
N VAL A 832 -6.20 14.92 -17.83
CA VAL A 832 -7.37 15.60 -18.38
C VAL A 832 -7.18 17.12 -18.34
N LEU A 833 -7.52 17.76 -19.46
CA LEU A 833 -7.48 19.22 -19.60
C LEU A 833 -8.77 19.74 -20.23
N PRO A 834 -9.29 20.87 -19.72
CA PRO A 834 -10.42 21.54 -20.34
C PRO A 834 -9.98 22.32 -21.58
N LEU A 835 -10.88 22.45 -22.55
CA LEU A 835 -10.61 23.12 -23.83
C LEU A 835 -11.54 24.30 -23.99
N ARG A 836 -11.03 25.41 -24.53
CA ARG A 836 -11.84 26.61 -24.72
C ARG A 836 -12.88 26.43 -25.83
N GLU A 837 -13.96 27.21 -25.74
CA GLU A 837 -15.03 27.20 -26.75
C GLU A 837 -14.46 27.43 -28.15
N GLY A 838 -14.95 26.64 -29.11
CA GLY A 838 -14.58 26.80 -30.52
C GLY A 838 -13.26 26.18 -30.92
N ASN A 839 -12.74 25.30 -30.07
CA ASN A 839 -11.52 24.54 -30.38
C ASN A 839 -11.76 23.50 -31.47
N PRO A 840 -10.69 23.11 -32.19
CA PRO A 840 -10.79 22.13 -33.28
C PRO A 840 -11.09 20.69 -32.86
N PHE A 841 -11.00 20.37 -31.58
CA PHE A 841 -11.28 19.00 -31.13
C PHE A 841 -12.79 18.75 -30.98
N GLY A 842 -13.57 19.81 -31.04
CA GLY A 842 -15.03 19.70 -31.08
C GLY A 842 -15.66 19.32 -29.76
N ASP A 843 -14.95 19.50 -28.65
CA ASP A 843 -15.51 19.24 -27.32
C ASP A 843 -14.77 19.99 -26.22
N LYS A 844 -15.29 19.93 -25.00
CA LYS A 844 -14.86 20.82 -23.92
C LYS A 844 -13.67 20.31 -23.09
N CYS A 845 -13.17 19.13 -23.43
CA CYS A 845 -12.01 18.56 -22.73
C CYS A 845 -11.34 17.47 -23.54
N ILE A 846 -10.10 17.17 -23.18
CA ILE A 846 -9.34 16.11 -23.79
C ILE A 846 -8.51 15.40 -22.73
N ALA A 847 -8.31 14.11 -22.93
CA ALA A 847 -7.57 13.28 -21.99
C ALA A 847 -6.59 12.40 -22.74
N TRP A 848 -5.47 12.07 -22.11
CA TRP A 848 -4.48 11.19 -22.71
C TRP A 848 -3.79 10.39 -21.60
N PRO A 849 -3.04 9.32 -21.97
CA PRO A 849 -2.48 8.46 -20.93
C PRO A 849 -1.60 9.22 -19.92
N SER A 850 -1.83 8.99 -18.63
CA SER A 850 -1.07 9.67 -17.58
C SER A 850 0.38 9.18 -17.57
N GLY A 851 1.26 10.00 -17.00
CA GLY A 851 2.70 9.73 -17.03
C GLY A 851 3.38 9.93 -18.38
N THR A 852 2.65 10.47 -19.36
CA THR A 852 3.19 10.65 -20.71
C THR A 852 2.92 12.05 -21.24
N GLU A 853 3.79 12.46 -22.15
CA GLU A 853 3.57 13.61 -23.02
C GLU A 853 2.50 13.25 -24.03
N ILE A 854 1.63 14.21 -24.34
CA ILE A 854 0.63 13.98 -25.37
C ILE A 854 1.30 13.98 -26.74
N THR A 855 0.89 13.04 -27.59
CA THR A 855 1.49 12.84 -28.91
C THR A 855 1.66 14.16 -29.69
N ASP A 856 2.78 14.30 -30.39
CA ASP A 856 3.12 15.54 -31.11
C ASP A 856 2.09 15.89 -32.18
N LEU A 857 1.43 14.87 -32.73
CA LEU A 857 0.30 15.05 -33.65
C LEU A 857 -0.66 16.19 -33.20
N ILE A 858 -0.98 16.23 -31.92
CA ILE A 858 -1.99 17.18 -31.41
C ILE A 858 -1.52 18.09 -30.28
N LYS A 859 -0.29 17.89 -29.79
CA LYS A 859 0.21 18.63 -28.63
C LYS A 859 0.08 20.14 -28.80
N ASP A 860 0.58 20.66 -29.92
CA ASP A 860 0.59 22.11 -30.14
C ASP A 860 -0.83 22.69 -30.08
N ASP A 861 -1.80 21.97 -30.62
CA ASP A 861 -3.20 22.40 -30.61
C ASP A 861 -3.79 22.36 -29.21
N VAL A 862 -3.49 21.31 -28.45
CA VAL A 862 -3.94 21.22 -27.06
C VAL A 862 -3.40 22.42 -26.29
N LEU A 863 -2.11 22.70 -26.43
CA LEU A 863 -1.49 23.84 -25.74
C LEU A 863 -2.17 25.17 -26.07
N HIS A 864 -2.50 25.34 -27.35
CA HIS A 864 -3.10 26.58 -27.82
C HIS A 864 -4.52 26.75 -27.31
N TRP A 865 -5.25 25.65 -27.16
CA TRP A 865 -6.68 25.67 -26.79
C TRP A 865 -6.99 25.32 -25.32
N MET A 866 -5.98 24.89 -24.56
CA MET A 866 -6.09 24.69 -23.10
C MET A 866 -6.83 25.82 -22.42
N ASP A 867 -7.84 25.50 -21.62
CA ASP A 867 -8.60 26.52 -20.91
C ASP A 867 -8.07 26.75 -19.50
N TYR A 868 -7.12 27.68 -19.39
CA TYR A 868 -6.46 27.99 -18.13
C TYR A 868 -7.42 28.58 -17.11
N THR A 869 -8.39 29.37 -17.57
CA THR A 869 -9.37 29.99 -16.66
C THR A 869 -10.21 28.92 -15.94
N VAL A 870 -10.70 27.96 -16.70
CA VAL A 870 -11.52 26.88 -16.12
C VAL A 870 -10.67 26.02 -15.18
N LEU A 871 -9.49 25.67 -15.63
CA LEU A 871 -8.55 24.85 -14.88
C LEU A 871 -8.27 25.51 -13.53
N LEU A 872 -7.99 26.81 -13.55
CA LEU A 872 -7.71 27.53 -12.30
C LEU A 872 -8.92 27.55 -11.37
N GLU A 873 -10.06 27.92 -11.93
CA GLU A 873 -11.29 28.01 -11.15
C GLU A 873 -11.61 26.68 -10.46
N LYS A 874 -11.52 25.60 -11.21
CA LYS A 874 -11.96 24.27 -10.76
C LYS A 874 -11.02 23.58 -9.77
N THR A 875 -9.73 23.64 -10.05
CA THR A 875 -8.75 22.87 -9.29
C THR A 875 -8.09 23.67 -8.16
N PHE A 876 -8.06 25.00 -8.29
CA PHE A 876 -7.38 25.85 -7.31
C PHE A 876 -8.31 26.79 -6.55
N ILE A 877 -9.05 27.64 -7.25
CA ILE A 877 -9.88 28.64 -6.57
C ILE A 877 -11.01 28.02 -5.77
N LYS A 878 -11.73 27.08 -6.37
CA LYS A 878 -12.86 26.44 -5.68
C LYS A 878 -12.39 25.77 -4.37
N PRO A 879 -11.35 24.90 -4.43
CA PRO A 879 -10.93 24.31 -3.15
C PRO A 879 -10.40 25.34 -2.17
N LEU A 880 -9.65 26.32 -2.65
CA LEU A 880 -9.13 27.36 -1.74
C LEU A 880 -10.26 28.17 -1.08
N GLU A 881 -11.32 28.47 -1.84
CA GLU A 881 -12.51 29.13 -1.28
C GLU A 881 -13.11 28.30 -0.13
N GLY A 882 -13.12 26.98 -0.29
CA GLY A 882 -13.57 26.07 0.77
C GLY A 882 -12.68 26.14 2.02
N PHE A 883 -11.36 26.13 1.83
CA PHE A 883 -10.42 26.19 2.97
C PHE A 883 -10.62 27.49 3.74
N THR A 884 -10.60 28.60 3.01
CA THR A 884 -10.62 29.92 3.64
C THR A 884 -11.97 30.28 4.27
N SER A 885 -13.07 29.87 3.67
CA SER A 885 -14.38 30.11 4.27
C SER A 885 -14.54 29.28 5.55
N ALA A 886 -14.04 28.05 5.55
CA ALA A 886 -14.03 27.24 6.76
C ALA A 886 -13.19 27.90 7.87
N ALA A 887 -12.04 28.45 7.47
CA ALA A 887 -11.11 29.08 8.40
C ALA A 887 -11.46 30.53 8.76
N LYS A 888 -12.54 31.05 8.17
CA LYS A 888 -13.04 32.42 8.42
C LYS A 888 -11.99 33.46 8.03
N LEU A 889 -11.52 33.34 6.80
CA LEU A 889 -10.33 34.03 6.34
C LEU A 889 -10.55 34.43 4.88
N ASP A 890 -9.95 35.51 4.40
CA ASP A 890 -10.12 35.93 3.00
C ASP A 890 -8.82 35.75 2.20
N TYR A 891 -8.92 35.15 1.02
CA TYR A 891 -7.74 34.99 0.18
C TYR A 891 -7.48 36.21 -0.70
N GLU A 892 -8.44 37.14 -0.75
CA GLU A 892 -8.28 38.43 -1.42
C GLU A 892 -8.58 39.55 -0.44
N LYS A 893 -7.73 40.57 -0.40
CA LYS A 893 -7.90 41.66 0.56
C LYS A 893 -9.20 42.43 0.34
N LYS A 894 -10.06 42.44 1.37
CA LYS A 894 -11.28 43.24 1.36
C LYS A 894 -10.94 44.74 1.53
N ALA A 895 -11.75 45.59 0.92
CA ALA A 895 -11.52 47.04 1.02
C ALA A 895 -11.79 47.54 2.44
N SER A 896 -11.14 48.63 2.82
CA SER A 896 -11.36 49.25 4.12
C SER A 896 -11.18 50.76 4.06
N LEU A 897 -11.44 51.43 5.17
CA LEU A 897 -11.37 52.89 5.26
C LEU A 897 -9.98 53.46 4.94
N PHE A 898 -8.93 52.70 5.25
CA PHE A 898 -7.55 53.13 4.95
C PHE A 898 -7.24 53.35 3.47
N ASP A 899 -7.98 52.68 2.60
CA ASP A 899 -7.85 52.84 1.15
C ASP A 899 -8.00 54.31 0.71
N MET A 900 -8.66 55.12 1.53
CA MET A 900 -8.91 56.53 1.21
C MET A 900 -7.70 57.45 1.46
N PHE A 901 -6.52 56.86 1.66
CA PHE A 901 -5.27 57.60 1.80
C PHE A 901 -4.24 57.04 0.82
PG ATP D . -2.33 2.50 14.62
O1G ATP D . -3.23 3.67 14.92
O2G ATP D . -1.88 1.74 15.82
O3G ATP D . -1.28 2.78 13.59
PB ATP D . -4.84 1.24 13.74
O1B ATP D . -5.15 -0.19 13.35
O2B ATP D . -5.55 1.87 14.91
O3B ATP D . -3.23 1.36 13.88
PA ATP D . -5.95 3.38 12.07
O1A ATP D . -5.43 3.89 10.77
O2A ATP D . -5.89 4.31 13.24
O3A ATP D . -5.12 2.02 12.38
O5' ATP D . -7.42 2.83 11.76
C5' ATP D . -8.38 2.61 12.79
C4' ATP D . -9.12 1.34 12.46
O4' ATP D . -9.79 1.52 11.20
C3' ATP D . -8.24 0.12 12.29
O3' ATP D . -7.83 -0.53 13.50
C2' ATP D . -9.15 -0.75 11.45
C1' ATP D . -9.80 0.27 10.52
N9 ATP D . -8.97 0.31 9.29
C8 ATP D . -8.05 1.24 8.95
N7 ATP D . -7.47 0.92 7.76
C5 ATP D . -8.04 -0.24 7.37
C6 ATP D . -7.92 -1.14 6.22
N6 ATP D . -7.03 -0.84 5.26
N1 ATP D . -8.69 -2.24 6.18
C2 ATP D . -9.58 -2.54 7.15
N3 ATP D . -9.75 -1.77 8.23
C4 ATP D . -9.02 -0.63 8.37
CA CA E . -5.43 4.02 15.60
CA CA F . -7.06 6.81 13.75
CA CA G . 28.50 20.99 14.16
CA CA H . -0.21 5.84 18.47
CA CA I . 11.04 -0.99 -22.44
#